data_6DJF
#
_entry.id   6DJF
#
_cell.length_a   50.163
_cell.length_b   105.314
_cell.length_c   193.981
_cell.angle_alpha   90.00
_cell.angle_beta   90.00
_cell.angle_gamma   90.00
#
_symmetry.space_group_name_H-M   'P 21 21 21'
#
loop_
_entity.id
_entity.type
_entity.pdbx_description
1 polymer 'Tyrosyl-DNA phosphodiesterase 1'
2 non-polymer 1,2-ETHANEDIOL
3 non-polymer '4-hydroxyquinoline-3,8-dicarboxylic acid'
4 water water
#
_entity_poly.entity_id   1
_entity_poly.type   'polypeptide(L)'
_entity_poly.pdbx_seq_one_letter_code
;SGEGQDIWDMLDKGNPFQFYLTRVSGVKPKYNSGALHIKDILSPLFGTLVSSAQFNYCFDVDWLVKQYPPEFRKKPILLV
HGDKREAKAHLHAQAKPYENISLCQAKLDIAFGTHHTKMMLLLYEEGLRVVIHTSNLIHADWHQKTQGIWLSPLYPRIAD
GTHKSGESPTHFKADLISYLMAYNAPSLKEWIDVIHKHDLSETNVYLIGSTPGRFQGSQKDNWGHFRLKKLLKDHASSMP
NAESWPVVGQFSSVGSLGADESKWLCSEFKESMLTLGKESKTPGKSSVPLYLIYPSVENVRTSLEGYPAGGSLPYSIQTA
EKQNWLHSYFHKWSAETSGRSNAMPHIKTYMRPSPDFSKIAWFLVTSANLSKAAWGALEKNGTQLMIRSYELGVLFLPSA
FGLDSFKVKQKFFAGSQEPMATFPVPYDLPPELYGSKDRPWIWNIPYVKAPDTHGNMWVPS
;
_entity_poly.pdbx_strand_id   A,B
#
# COMPACT_ATOMS: atom_id res chain seq x y z
N ASN A 15 -17.17 -13.35 11.08
CA ASN A 15 -16.42 -13.54 9.84
C ASN A 15 -15.67 -12.26 9.47
N PRO A 16 -14.50 -12.42 8.83
CA PRO A 16 -13.73 -11.23 8.44
C PRO A 16 -14.16 -10.61 7.11
N PHE A 17 -15.00 -11.31 6.32
CA PHE A 17 -15.20 -10.86 4.93
C PHE A 17 -16.35 -9.89 4.77
N GLN A 18 -17.41 -10.00 5.59
CA GLN A 18 -18.52 -9.05 5.55
C GLN A 18 -19.13 -8.99 4.15
N PHE A 19 -19.22 -10.16 3.52
CA PHE A 19 -19.85 -10.33 2.23
C PHE A 19 -21.20 -11.00 2.47
N TYR A 20 -22.28 -10.35 2.02
CA TYR A 20 -23.64 -10.80 2.31
C TYR A 20 -24.43 -10.96 1.02
N LEU A 21 -25.46 -11.79 1.09
CA LEU A 21 -26.47 -11.81 0.05
C LEU A 21 -27.71 -11.05 0.54
N THR A 22 -28.52 -10.56 -0.42
CA THR A 22 -29.78 -9.97 -0.06
C THR A 22 -30.80 -11.06 0.33
N ARG A 23 -31.77 -10.66 1.13
CA ARG A 23 -32.86 -11.55 1.50
C ARG A 23 -33.68 -11.94 0.27
N VAL A 24 -34.12 -13.20 0.21
CA VAL A 24 -34.95 -13.68 -0.89
C VAL A 24 -36.28 -14.14 -0.32
N SER A 25 -37.37 -13.56 -0.80
N SER A 25 -37.37 -13.53 -0.78
CA SER A 25 -38.69 -13.95 -0.33
CA SER A 25 -38.70 -13.95 -0.38
C SER A 25 -39.10 -15.27 -0.98
C SER A 25 -39.01 -15.31 -0.99
N GLY A 26 -39.31 -16.29 -0.15
CA GLY A 26 -39.75 -17.60 -0.61
C GLY A 26 -38.81 -18.74 -0.30
N VAL A 27 -37.60 -18.48 0.12
CA VAL A 27 -36.73 -19.55 0.56
C VAL A 27 -36.96 -19.77 2.06
N LYS A 28 -36.54 -20.94 2.54
CA LYS A 28 -36.73 -21.25 3.94
C LYS A 28 -35.87 -20.34 4.82
N PRO A 29 -36.30 -20.08 6.06
CA PRO A 29 -35.58 -19.14 6.92
C PRO A 29 -34.08 -19.40 7.06
N LYS A 30 -33.62 -20.65 6.97
CA LYS A 30 -32.20 -20.94 7.10
C LYS A 30 -31.37 -20.30 5.99
N TYR A 31 -31.95 -20.03 4.83
CA TYR A 31 -31.25 -19.39 3.73
C TYR A 31 -31.36 -17.88 3.76
N ASN A 32 -32.05 -17.30 4.74
CA ASN A 32 -32.07 -15.86 4.94
C ASN A 32 -31.45 -15.44 6.26
N SER A 33 -31.03 -16.39 7.10
CA SER A 33 -30.55 -16.05 8.44
C SER A 33 -29.42 -15.04 8.38
N GLY A 34 -28.42 -15.29 7.55
CA GLY A 34 -27.33 -14.35 7.43
C GLY A 34 -27.44 -13.38 6.27
N ALA A 35 -28.63 -13.21 5.71
CA ALA A 35 -28.82 -12.31 4.59
C ALA A 35 -29.28 -10.94 5.08
N LEU A 36 -29.22 -9.94 4.19
CA LEU A 36 -29.57 -8.58 4.56
C LEU A 36 -30.59 -8.01 3.59
N HIS A 37 -31.61 -7.37 4.14
CA HIS A 37 -32.51 -6.54 3.36
C HIS A 37 -32.08 -5.08 3.51
N ILE A 38 -32.52 -4.24 2.57
CA ILE A 38 -32.12 -2.84 2.62
C ILE A 38 -32.59 -2.19 3.92
N LYS A 39 -33.75 -2.59 4.43
CA LYS A 39 -34.21 -2.08 5.73
C LYS A 39 -33.24 -2.42 6.85
N ASP A 40 -32.59 -3.61 6.78
CA ASP A 40 -31.58 -3.95 7.77
C ASP A 40 -30.38 -3.02 7.67
N ILE A 41 -29.93 -2.74 6.43
CA ILE A 41 -28.74 -1.91 6.23
C ILE A 41 -28.98 -0.49 6.75
N LEU A 42 -30.20 0.03 6.55
CA LEU A 42 -30.50 1.40 6.95
C LEU A 42 -31.01 1.49 8.39
N SER A 43 -31.06 0.37 9.12
CA SER A 43 -31.64 0.35 10.45
C SER A 43 -30.80 1.16 11.44
N PRO A 44 -31.42 1.68 12.50
N PRO A 44 -31.42 1.69 12.50
CA PRO A 44 -30.65 2.40 13.52
CA PRO A 44 -30.65 2.40 13.52
C PRO A 44 -29.62 1.53 14.22
C PRO A 44 -29.62 1.53 14.22
N LEU A 45 -29.78 0.20 14.19
CA LEU A 45 -28.77 -0.68 14.77
C LEU A 45 -27.43 -0.56 14.07
N PHE A 46 -27.40 -0.10 12.82
CA PHE A 46 -26.14 0.08 12.09
C PHE A 46 -25.52 1.45 12.33
N GLY A 47 -26.27 2.39 12.87
CA GLY A 47 -25.77 3.73 13.14
C GLY A 47 -26.90 4.73 13.13
N THR A 48 -26.65 5.89 13.75
CA THR A 48 -27.62 6.98 13.81
C THR A 48 -27.38 7.89 12.62
N LEU A 49 -28.27 7.80 11.63
CA LEU A 49 -28.01 8.44 10.34
C LEU A 49 -28.07 9.96 10.44
N VAL A 50 -27.07 10.60 9.84
CA VAL A 50 -27.04 12.04 9.65
C VAL A 50 -27.29 12.43 8.21
N SER A 51 -26.74 11.66 7.27
N SER A 51 -26.75 11.66 7.26
CA SER A 51 -26.94 11.91 5.85
CA SER A 51 -26.82 11.97 5.84
C SER A 51 -26.50 10.66 5.11
C SER A 51 -26.39 10.73 5.07
N SER A 52 -26.90 10.58 3.85
CA SER A 52 -26.53 9.43 3.03
C SER A 52 -26.44 9.83 1.57
N ALA A 53 -25.60 9.10 0.83
CA ALA A 53 -25.49 9.19 -0.61
C ALA A 53 -25.82 7.82 -1.19
N GLN A 54 -26.73 7.79 -2.17
CA GLN A 54 -27.13 6.55 -2.85
C GLN A 54 -26.67 6.65 -4.30
N PHE A 55 -25.61 5.91 -4.63
CA PHE A 55 -25.14 5.78 -6.01
C PHE A 55 -25.89 4.61 -6.63
N ASN A 56 -26.52 4.83 -7.78
CA ASN A 56 -27.18 3.71 -8.41
C ASN A 56 -27.49 4.01 -9.87
N TYR A 57 -28.18 3.06 -10.49
CA TYR A 57 -28.63 3.13 -11.87
C TYR A 57 -30.12 3.46 -11.95
N CYS A 58 -30.95 2.62 -11.33
N CYS A 58 -30.96 2.64 -11.30
CA CYS A 58 -32.39 2.76 -11.30
CA CYS A 58 -32.40 2.78 -11.35
C CYS A 58 -32.86 3.12 -9.90
C CYS A 58 -32.94 3.03 -9.94
N PHE A 59 -33.82 4.03 -9.81
CA PHE A 59 -34.36 4.46 -8.53
C PHE A 59 -35.89 4.47 -8.59
N ASP A 60 -36.52 3.94 -7.55
CA ASP A 60 -37.93 4.19 -7.23
C ASP A 60 -37.90 5.00 -5.93
N VAL A 61 -38.05 6.33 -6.04
CA VAL A 61 -37.75 7.19 -4.90
C VAL A 61 -38.77 7.00 -3.78
N ASP A 62 -40.04 6.84 -4.14
N ASP A 62 -40.04 6.83 -4.14
CA ASP A 62 -41.06 6.58 -3.12
CA ASP A 62 -41.06 6.58 -3.12
C ASP A 62 -40.72 5.32 -2.33
C ASP A 62 -40.73 5.32 -2.32
N TRP A 63 -40.38 4.24 -3.03
CA TRP A 63 -39.97 3.01 -2.35
C TRP A 63 -38.72 3.24 -1.52
N LEU A 64 -37.73 3.95 -2.09
CA LEU A 64 -36.44 4.12 -1.41
C LEU A 64 -36.62 4.82 -0.06
N VAL A 65 -37.40 5.90 -0.03
CA VAL A 65 -37.56 6.63 1.23
C VAL A 65 -38.22 5.75 2.28
N LYS A 66 -39.19 4.92 1.88
CA LYS A 66 -39.83 4.01 2.83
C LYS A 66 -38.88 2.97 3.41
N GLN A 67 -37.71 2.74 2.80
CA GLN A 67 -36.77 1.78 3.35
C GLN A 67 -35.93 2.35 4.49
N TYR A 68 -35.83 3.68 4.58
CA TYR A 68 -35.19 4.30 5.71
C TYR A 68 -36.13 4.22 6.93
N PRO A 69 -35.58 4.07 8.14
CA PRO A 69 -36.45 4.05 9.31
C PRO A 69 -37.19 5.37 9.41
N PRO A 70 -38.42 5.35 9.95
CA PRO A 70 -39.23 6.58 9.95
C PRO A 70 -38.53 7.79 10.54
N GLU A 71 -37.76 7.58 11.62
CA GLU A 71 -37.03 8.67 12.27
C GLU A 71 -35.92 9.25 11.41
N PHE A 72 -35.48 8.54 10.37
CA PHE A 72 -34.39 9.00 9.51
C PHE A 72 -34.86 9.49 8.14
N ARG A 73 -36.18 9.51 7.88
CA ARG A 73 -36.63 9.75 6.50
C ARG A 73 -36.51 11.19 6.05
N LYS A 74 -36.19 12.13 6.93
CA LYS A 74 -36.00 13.51 6.53
C LYS A 74 -34.54 13.94 6.53
N LYS A 75 -33.62 13.03 6.84
CA LYS A 75 -32.21 13.35 6.73
C LYS A 75 -31.83 13.53 5.27
N PRO A 76 -30.81 14.35 4.98
CA PRO A 76 -30.43 14.59 3.58
C PRO A 76 -30.04 13.29 2.87
N ILE A 77 -30.53 13.14 1.63
CA ILE A 77 -30.17 12.03 0.75
C ILE A 77 -29.66 12.62 -0.57
N LEU A 78 -28.52 12.16 -1.04
CA LEU A 78 -28.02 12.50 -2.36
C LEU A 78 -28.18 11.30 -3.28
N LEU A 79 -28.87 11.47 -4.42
CA LEU A 79 -28.98 10.42 -5.41
C LEU A 79 -27.97 10.69 -6.52
N VAL A 80 -27.04 9.77 -6.73
CA VAL A 80 -26.03 9.90 -7.77
C VAL A 80 -26.42 8.98 -8.92
N HIS A 81 -26.68 9.55 -10.09
CA HIS A 81 -27.28 8.83 -11.21
C HIS A 81 -26.62 9.27 -12.52
N GLY A 82 -27.00 8.61 -13.62
CA GLY A 82 -26.43 8.97 -14.90
C GLY A 82 -27.46 9.39 -15.94
N ASP A 83 -28.69 9.65 -15.49
CA ASP A 83 -29.79 9.87 -16.43
C ASP A 83 -29.67 11.22 -17.14
N LYS A 84 -30.16 11.27 -18.38
CA LYS A 84 -30.13 12.48 -19.20
C LYS A 84 -31.52 12.76 -19.74
N ARG A 85 -31.72 13.98 -20.22
CA ARG A 85 -32.90 14.37 -21.02
C ARG A 85 -34.18 13.96 -20.29
N GLU A 86 -35.10 13.23 -20.93
CA GLU A 86 -36.39 12.94 -20.32
C GLU A 86 -36.27 12.02 -19.11
N ALA A 87 -35.30 11.08 -19.15
CA ALA A 87 -35.05 10.22 -18.00
C ALA A 87 -34.62 11.01 -16.78
N LYS A 88 -33.78 12.03 -16.99
CA LYS A 88 -33.40 12.93 -15.91
C LYS A 88 -34.60 13.69 -15.38
N ALA A 89 -35.43 14.22 -16.27
CA ALA A 89 -36.63 14.92 -15.82
C ALA A 89 -37.53 14.02 -14.99
N HIS A 90 -37.70 12.75 -15.41
CA HIS A 90 -38.53 11.82 -14.67
C HIS A 90 -37.99 11.59 -13.26
N LEU A 91 -36.66 11.45 -13.12
CA LEU A 91 -36.10 11.24 -11.80
C LEU A 91 -36.26 12.47 -10.93
N HIS A 92 -36.06 13.66 -11.50
CA HIS A 92 -36.27 14.87 -10.72
C HIS A 92 -37.73 14.98 -10.26
N ALA A 93 -38.67 14.58 -11.11
CA ALA A 93 -40.08 14.64 -10.72
C ALA A 93 -40.38 13.66 -9.60
N GLN A 94 -39.72 12.49 -9.61
CA GLN A 94 -39.87 11.52 -8.53
C GLN A 94 -39.42 12.10 -7.20
N ALA A 95 -38.37 12.91 -7.22
CA ALA A 95 -37.75 13.37 -5.98
C ALA A 95 -38.31 14.70 -5.49
N LYS A 96 -38.93 15.49 -6.36
CA LYS A 96 -39.45 16.79 -5.96
C LYS A 96 -40.35 16.77 -4.72
N PRO A 97 -41.21 15.77 -4.49
CA PRO A 97 -42.00 15.76 -3.24
C PRO A 97 -41.17 15.69 -1.97
N TYR A 98 -39.88 15.34 -2.05
CA TYR A 98 -39.04 15.15 -0.87
C TYR A 98 -37.99 16.26 -0.84
N GLU A 99 -38.19 17.23 0.07
CA GLU A 99 -37.33 18.41 0.11
C GLU A 99 -35.90 18.08 0.52
N ASN A 100 -35.69 16.93 1.16
CA ASN A 100 -34.37 16.54 1.66
C ASN A 100 -33.53 15.78 0.63
N ILE A 101 -34.07 15.53 -0.57
CA ILE A 101 -33.35 14.76 -1.58
C ILE A 101 -32.71 15.72 -2.59
N SER A 102 -31.40 15.59 -2.76
CA SER A 102 -30.63 16.24 -3.81
C SER A 102 -30.19 15.20 -4.83
N LEU A 103 -29.85 15.69 -6.03
CA LEU A 103 -29.46 14.83 -7.14
C LEU A 103 -28.13 15.28 -7.70
N CYS A 104 -27.34 14.31 -8.14
CA CYS A 104 -26.05 14.56 -8.78
C CYS A 104 -26.02 13.74 -10.06
N GLN A 105 -25.94 14.42 -11.20
CA GLN A 105 -25.89 13.76 -12.49
C GLN A 105 -24.43 13.49 -12.84
N ALA A 106 -24.06 12.21 -12.83
CA ALA A 106 -22.72 11.81 -13.22
C ALA A 106 -22.49 12.08 -14.71
N LYS A 107 -21.41 12.77 -15.03
CA LYS A 107 -21.14 13.06 -16.44
C LYS A 107 -20.80 11.79 -17.19
N LEU A 108 -21.35 11.65 -18.40
CA LEU A 108 -21.14 10.49 -19.25
C LEU A 108 -20.82 11.01 -20.65
N ASP A 109 -19.57 11.44 -20.85
CA ASP A 109 -19.13 12.10 -22.07
C ASP A 109 -18.77 11.12 -23.19
N ILE A 110 -18.69 9.83 -22.92
CA ILE A 110 -18.45 8.83 -23.95
C ILE A 110 -19.78 8.13 -24.26
N ALA A 111 -20.03 7.91 -25.54
CA ALA A 111 -21.32 7.37 -25.96
C ALA A 111 -21.53 5.95 -25.42
N PHE A 112 -22.79 5.61 -25.15
CA PHE A 112 -23.22 4.29 -24.71
C PHE A 112 -22.70 3.95 -23.31
N GLY A 113 -22.24 4.94 -22.56
CA GLY A 113 -21.88 4.70 -21.17
C GLY A 113 -23.06 4.89 -20.23
N THR A 114 -22.97 4.24 -19.08
CA THR A 114 -24.01 4.33 -18.07
C THR A 114 -23.36 4.45 -16.70
N HIS A 115 -24.15 4.85 -15.73
CA HIS A 115 -23.72 4.91 -14.34
C HIS A 115 -24.23 3.66 -13.61
N HIS A 116 -23.38 2.63 -13.51
CA HIS A 116 -23.79 1.33 -12.97
C HIS A 116 -23.35 1.12 -11.53
N THR A 117 -22.49 1.96 -11.00
CA THR A 117 -22.03 1.83 -9.62
C THR A 117 -23.18 1.82 -8.62
N LYS A 118 -23.15 0.87 -7.70
CA LYS A 118 -24.15 0.74 -6.64
C LYS A 118 -23.44 0.82 -5.29
N MET A 119 -23.66 1.94 -4.59
CA MET A 119 -22.89 2.21 -3.40
C MET A 119 -23.73 3.09 -2.48
N MET A 120 -23.65 2.85 -1.19
CA MET A 120 -24.21 3.75 -0.18
C MET A 120 -23.08 4.34 0.63
N LEU A 121 -23.10 5.65 0.80
CA LEU A 121 -22.27 6.30 1.81
C LEU A 121 -23.19 6.69 2.95
N LEU A 122 -22.91 6.20 4.14
CA LEU A 122 -23.80 6.38 5.29
C LEU A 122 -23.04 7.12 6.38
N LEU A 123 -23.38 8.40 6.59
CA LEU A 123 -22.73 9.21 7.62
C LEU A 123 -23.56 9.13 8.88
N TYR A 124 -22.95 8.73 9.98
CA TYR A 124 -23.66 8.58 11.25
C TYR A 124 -23.10 9.58 12.26
N GLU A 125 -23.84 9.73 13.37
CA GLU A 125 -23.25 10.37 14.55
C GLU A 125 -21.99 9.65 15.01
N GLU A 126 -21.95 8.32 14.84
CA GLU A 126 -20.90 7.48 15.40
C GLU A 126 -19.75 7.22 14.43
N GLY A 127 -19.85 7.65 13.19
CA GLY A 127 -18.80 7.35 12.23
C GLY A 127 -19.36 7.32 10.81
N LEU A 128 -18.72 6.52 9.97
CA LEU A 128 -19.08 6.45 8.56
C LEU A 128 -19.06 4.99 8.13
N ARG A 129 -19.99 4.62 7.25
CA ARG A 129 -19.99 3.29 6.67
C ARG A 129 -20.12 3.39 5.15
N VAL A 130 -19.47 2.47 4.46
CA VAL A 130 -19.51 2.38 3.00
C VAL A 130 -20.13 1.03 2.67
N VAL A 131 -21.11 1.02 1.76
CA VAL A 131 -21.78 -0.20 1.32
C VAL A 131 -21.62 -0.27 -0.19
N ILE A 132 -21.00 -1.34 -0.68
CA ILE A 132 -20.86 -1.53 -2.12
C ILE A 132 -21.62 -2.80 -2.47
N HIS A 133 -22.52 -2.69 -3.44
CA HIS A 133 -23.47 -3.78 -3.61
C HIS A 133 -23.87 -3.87 -5.09
N THR A 134 -24.90 -4.68 -5.40
CA THR A 134 -25.24 -4.94 -6.79
C THR A 134 -26.69 -4.65 -7.16
N SER A 135 -27.52 -4.17 -6.22
CA SER A 135 -28.95 -4.02 -6.47
C SER A 135 -29.33 -2.60 -6.86
N ASN A 136 -30.24 -2.50 -7.82
CA ASN A 136 -30.96 -1.24 -8.07
C ASN A 136 -31.85 -0.91 -6.88
N LEU A 137 -32.21 0.37 -6.76
CA LEU A 137 -33.07 0.81 -5.65
C LEU A 137 -34.54 0.77 -6.06
N ILE A 138 -34.99 -0.45 -6.36
CA ILE A 138 -36.36 -0.73 -6.74
C ILE A 138 -36.75 -2.03 -6.02
N HIS A 139 -38.06 -2.18 -5.77
CA HIS A 139 -38.54 -3.32 -4.98
C HIS A 139 -38.09 -4.66 -5.56
N ALA A 140 -38.18 -4.82 -6.89
CA ALA A 140 -37.93 -6.13 -7.48
C ALA A 140 -36.47 -6.57 -7.32
N ASP A 141 -35.54 -5.63 -7.21
CA ASP A 141 -34.16 -6.05 -7.09
C ASP A 141 -33.83 -6.63 -5.72
N TRP A 142 -34.67 -6.40 -4.71
CA TRP A 142 -34.42 -6.89 -3.36
C TRP A 142 -35.43 -7.95 -2.97
N HIS A 143 -36.22 -8.42 -3.91
CA HIS A 143 -37.32 -9.33 -3.61
C HIS A 143 -36.91 -10.80 -3.81
N GLN A 144 -36.64 -11.22 -5.04
CA GLN A 144 -36.35 -12.63 -5.30
C GLN A 144 -35.13 -12.82 -6.18
N LYS A 145 -34.14 -11.94 -6.08
CA LYS A 145 -32.91 -12.07 -6.86
C LYS A 145 -31.75 -12.44 -5.97
N THR A 146 -30.71 -13.05 -6.56
CA THR A 146 -29.42 -13.17 -5.88
C THR A 146 -28.62 -11.90 -6.13
N GLN A 147 -28.33 -11.17 -5.05
CA GLN A 147 -27.58 -9.92 -5.08
C GLN A 147 -26.50 -9.99 -4.01
N GLY A 148 -25.40 -9.26 -4.22
CA GLY A 148 -24.28 -9.23 -3.29
C GLY A 148 -24.13 -7.89 -2.60
N ILE A 149 -23.64 -7.92 -1.37
CA ILE A 149 -23.39 -6.72 -0.55
C ILE A 149 -22.04 -6.87 0.12
N TRP A 150 -21.21 -5.83 0.07
CA TRP A 150 -20.06 -5.74 0.97
C TRP A 150 -20.33 -4.61 1.95
N LEU A 151 -20.19 -4.89 3.24
CA LEU A 151 -20.41 -3.91 4.31
C LEU A 151 -19.07 -3.52 4.92
N SER A 152 -18.73 -2.23 4.86
CA SER A 152 -17.52 -1.78 5.52
C SER A 152 -17.69 -1.82 7.03
N PRO A 153 -16.58 -1.81 7.77
CA PRO A 153 -16.65 -1.53 9.21
C PRO A 153 -17.22 -0.15 9.47
N LEU A 154 -17.62 0.08 10.71
CA LEU A 154 -17.91 1.43 11.16
C LEU A 154 -16.58 2.19 11.28
N TYR A 155 -16.42 3.21 10.44
CA TYR A 155 -15.18 3.97 10.43
C TYR A 155 -15.29 5.13 11.40
N PRO A 156 -14.44 5.21 12.43
CA PRO A 156 -14.57 6.33 13.37
C PRO A 156 -14.02 7.62 12.78
N ARG A 157 -14.49 8.73 13.34
CA ARG A 157 -14.00 10.04 12.93
C ARG A 157 -12.61 10.28 13.52
N ILE A 158 -11.76 10.95 12.75
CA ILE A 158 -10.45 11.34 13.26
C ILE A 158 -10.64 12.61 14.07
N ALA A 159 -10.06 12.63 15.27
CA ALA A 159 -10.22 13.77 16.17
C ALA A 159 -9.71 15.05 15.51
N ASP A 160 -10.48 16.12 15.64
CA ASP A 160 -10.06 17.41 15.13
C ASP A 160 -8.75 17.85 15.79
N GLY A 161 -7.77 18.19 14.96
CA GLY A 161 -6.44 18.49 15.43
C GLY A 161 -5.46 17.33 15.31
N THR A 162 -5.96 16.09 15.31
CA THR A 162 -5.11 14.93 15.06
C THR A 162 -4.80 14.84 13.57
N HIS A 163 -3.53 14.54 13.27
CA HIS A 163 -3.08 14.35 11.90
C HIS A 163 -2.70 12.89 11.73
N LYS A 164 -3.63 12.12 11.17
CA LYS A 164 -3.44 10.71 10.81
C LYS A 164 -3.84 10.53 9.37
N SER A 165 -3.29 9.51 8.71
CA SER A 165 -3.76 9.24 7.35
C SER A 165 -5.14 8.61 7.37
N GLY A 166 -5.41 7.73 8.34
CA GLY A 166 -6.62 6.94 8.29
C GLY A 166 -6.65 5.93 7.16
N GLU A 167 -5.49 5.57 6.61
CA GLU A 167 -5.40 4.72 5.43
C GLU A 167 -5.22 3.25 5.81
N SER A 168 -5.73 2.38 4.97
N SER A 168 -5.75 2.36 4.96
CA SER A 168 -5.61 0.95 5.17
CA SER A 168 -5.64 0.93 5.15
C SER A 168 -4.43 0.38 4.40
C SER A 168 -4.46 0.37 4.37
N PRO A 169 -4.00 -0.84 4.71
CA PRO A 169 -2.95 -1.46 3.88
C PRO A 169 -3.36 -1.70 2.45
N THR A 170 -4.66 -1.74 2.15
CA THR A 170 -5.13 -1.88 0.78
C THR A 170 -5.34 -0.56 0.06
N HIS A 171 -5.06 0.57 0.72
CA HIS A 171 -5.15 1.90 0.11
C HIS A 171 -6.60 2.28 -0.21
N PHE A 172 -7.54 1.67 0.51
CA PHE A 172 -8.96 1.87 0.20
C PHE A 172 -9.38 3.34 0.32
N LYS A 173 -8.89 4.05 1.33
CA LYS A 173 -9.34 5.44 1.52
C LYS A 173 -8.95 6.31 0.33
N ALA A 174 -7.66 6.29 -0.03
CA ALA A 174 -7.20 7.04 -1.18
C ALA A 174 -7.91 6.60 -2.45
N ASP A 175 -8.15 5.28 -2.59
CA ASP A 175 -8.76 4.80 -3.83
C ASP A 175 -10.23 5.21 -3.93
N LEU A 176 -10.94 5.20 -2.80
CA LEU A 176 -12.33 5.66 -2.83
C LEU A 176 -12.41 7.16 -3.11
N ILE A 177 -11.48 7.94 -2.54
CA ILE A 177 -11.47 9.37 -2.84
C ILE A 177 -11.16 9.60 -4.31
N SER A 178 -10.21 8.83 -4.86
N SER A 178 -10.20 8.84 -4.86
CA SER A 178 -9.88 8.95 -6.28
CA SER A 178 -9.88 8.95 -6.28
C SER A 178 -11.08 8.62 -7.16
C SER A 178 -11.09 8.64 -7.14
N TYR A 179 -11.84 7.59 -6.80
CA TYR A 179 -13.03 7.25 -7.56
C TYR A 179 -14.04 8.41 -7.55
N LEU A 180 -14.28 9.00 -6.37
CA LEU A 180 -15.24 10.09 -6.29
C LEU A 180 -14.73 11.36 -6.98
N MET A 181 -13.42 11.62 -6.93
N MET A 181 -13.42 11.62 -6.93
CA MET A 181 -12.87 12.78 -7.61
CA MET A 181 -12.88 12.79 -7.61
C MET A 181 -13.13 12.74 -9.11
C MET A 181 -13.13 12.74 -9.11
N ALA A 182 -13.19 11.53 -9.69
CA ALA A 182 -13.37 11.40 -11.13
C ALA A 182 -14.69 12.00 -11.60
N TYR A 183 -15.69 12.09 -10.73
CA TYR A 183 -16.97 12.69 -11.09
C TYR A 183 -16.88 14.19 -11.31
N ASN A 184 -15.94 14.86 -10.64
CA ASN A 184 -15.79 16.32 -10.75
C ASN A 184 -17.08 17.05 -10.34
N ALA A 185 -17.69 16.61 -9.24
CA ALA A 185 -19.03 17.06 -8.88
C ALA A 185 -19.03 17.73 -7.51
N PRO A 186 -19.66 18.90 -7.37
CA PRO A 186 -19.60 19.59 -6.06
C PRO A 186 -20.24 18.82 -4.93
N SER A 187 -21.34 18.12 -5.18
CA SER A 187 -21.98 17.37 -4.10
C SER A 187 -21.09 16.24 -3.62
N LEU A 188 -20.23 15.71 -4.49
CA LEU A 188 -19.34 14.64 -4.07
C LEU A 188 -18.07 15.17 -3.45
N LYS A 189 -17.68 16.41 -3.75
CA LYS A 189 -16.56 16.97 -2.99
C LYS A 189 -16.90 17.05 -1.51
N GLU A 190 -18.19 17.26 -1.18
CA GLU A 190 -18.62 17.25 0.20
C GLU A 190 -18.38 15.89 0.84
N TRP A 191 -18.70 14.82 0.12
CA TRP A 191 -18.47 13.47 0.63
C TRP A 191 -16.99 13.13 0.68
N ILE A 192 -16.18 13.66 -0.25
CA ILE A 192 -14.74 13.46 -0.16
C ILE A 192 -14.21 14.07 1.14
N ASP A 193 -14.69 15.26 1.49
CA ASP A 193 -14.24 15.88 2.73
C ASP A 193 -14.66 15.07 3.96
N VAL A 194 -15.84 14.45 3.90
CA VAL A 194 -16.28 13.56 4.98
C VAL A 194 -15.33 12.37 5.12
N ILE A 195 -15.01 11.72 4.00
CA ILE A 195 -14.13 10.56 4.03
C ILE A 195 -12.76 10.94 4.57
N HIS A 196 -12.23 12.10 4.15
CA HIS A 196 -10.94 12.57 4.68
C HIS A 196 -10.94 12.60 6.20
N LYS A 197 -12.07 12.95 6.80
CA LYS A 197 -12.17 13.10 8.25
C LYS A 197 -12.38 11.78 8.98
N HIS A 198 -12.39 10.64 8.30
CA HIS A 198 -12.64 9.37 8.97
C HIS A 198 -11.46 8.42 8.81
N ASP A 199 -11.36 7.49 9.75
CA ASP A 199 -10.28 6.50 9.79
C ASP A 199 -10.76 5.22 9.12
N LEU A 200 -10.22 4.92 7.93
CA LEU A 200 -10.61 3.71 7.20
C LEU A 200 -9.55 2.62 7.28
N SER A 201 -8.65 2.68 8.27
CA SER A 201 -7.48 1.80 8.28
C SER A 201 -7.85 0.33 8.46
N GLU A 202 -9.03 0.01 8.98
CA GLU A 202 -9.41 -1.39 9.18
C GLU A 202 -9.87 -2.08 7.90
N THR A 203 -9.91 -1.38 6.77
CA THR A 203 -10.44 -1.98 5.55
C THR A 203 -9.49 -3.03 4.98
N ASN A 204 -10.03 -4.22 4.67
CA ASN A 204 -9.21 -5.32 4.18
C ASN A 204 -9.54 -5.72 2.75
N VAL A 205 -10.35 -4.93 2.03
CA VAL A 205 -10.62 -5.17 0.61
C VAL A 205 -9.96 -4.07 -0.23
N TYR A 206 -9.70 -4.42 -1.50
CA TYR A 206 -9.24 -3.47 -2.50
C TYR A 206 -10.40 -2.98 -3.35
N LEU A 207 -10.45 -1.67 -3.60
CA LEU A 207 -11.45 -1.08 -4.48
C LEU A 207 -11.06 -1.29 -5.94
N ILE A 208 -12.01 -1.74 -6.76
CA ILE A 208 -11.81 -1.83 -8.20
C ILE A 208 -12.92 -1.03 -8.86
N GLY A 209 -12.57 0.12 -9.41
CA GLY A 209 -13.57 0.93 -10.06
C GLY A 209 -13.35 1.10 -11.55
N SER A 210 -14.42 1.47 -12.24
CA SER A 210 -14.37 1.94 -13.60
C SER A 210 -14.95 3.34 -13.63
N THR A 211 -14.34 4.22 -14.41
N THR A 211 -14.31 4.23 -14.35
CA THR A 211 -14.89 5.54 -14.65
CA THR A 211 -14.89 5.54 -14.65
C THR A 211 -14.69 5.87 -16.12
C THR A 211 -14.73 5.81 -16.14
N PRO A 212 -15.60 6.62 -16.73
CA PRO A 212 -15.49 6.86 -18.18
C PRO A 212 -14.25 7.65 -18.51
N GLY A 213 -13.59 7.25 -19.59
CA GLY A 213 -12.47 8.04 -20.05
C GLY A 213 -11.52 7.21 -20.92
N ARG A 214 -10.45 7.88 -21.33
N ARG A 214 -10.43 7.87 -21.29
CA ARG A 214 -9.38 7.27 -22.10
CA ARG A 214 -9.37 7.27 -22.11
C ARG A 214 -8.11 7.46 -21.30
C ARG A 214 -8.06 7.46 -21.37
N PHE A 215 -7.55 6.37 -20.80
CA PHE A 215 -6.45 6.41 -19.85
C PHE A 215 -5.17 5.85 -20.46
N GLN A 216 -4.09 6.63 -20.37
CA GLN A 216 -2.79 6.16 -20.82
C GLN A 216 -1.74 6.43 -19.75
N GLY A 217 -0.57 5.86 -19.95
CA GLY A 217 0.58 6.20 -19.13
C GLY A 217 0.35 5.90 -17.66
N SER A 218 0.51 6.92 -16.81
CA SER A 218 0.40 6.71 -15.38
C SER A 218 -1.03 6.41 -14.93
N GLN A 219 -2.03 6.60 -15.79
CA GLN A 219 -3.42 6.39 -15.43
C GLN A 219 -3.99 5.07 -15.93
N LYS A 220 -3.23 4.35 -16.77
CA LYS A 220 -3.70 3.11 -17.37
C LYS A 220 -4.10 2.08 -16.32
N ASP A 221 -3.39 2.03 -15.19
CA ASP A 221 -3.63 1.01 -14.18
C ASP A 221 -4.67 1.41 -13.13
N ASN A 222 -5.31 2.57 -13.28
CA ASN A 222 -6.21 3.08 -12.26
C ASN A 222 -7.57 2.39 -12.29
N TRP A 223 -7.99 1.87 -13.45
CA TRP A 223 -9.40 1.52 -13.63
C TRP A 223 -9.57 0.22 -14.42
N GLY A 224 -10.75 -0.38 -14.28
CA GLY A 224 -11.13 -1.49 -15.14
C GLY A 224 -10.23 -2.70 -15.01
N HIS A 225 -10.07 -3.42 -16.12
CA HIS A 225 -9.37 -4.68 -15.98
C HIS A 225 -7.87 -4.49 -15.80
N PHE A 226 -7.33 -3.32 -16.17
CA PHE A 226 -5.92 -3.04 -15.85
C PHE A 226 -5.73 -2.77 -14.36
N ARG A 227 -6.74 -2.21 -13.69
CA ARG A 227 -6.67 -2.09 -12.24
C ARG A 227 -6.61 -3.46 -11.58
N LEU A 228 -7.47 -4.37 -12.03
CA LEU A 228 -7.42 -5.74 -11.49
C LEU A 228 -6.06 -6.37 -11.75
N LYS A 229 -5.55 -6.26 -12.98
CA LYS A 229 -4.27 -6.84 -13.33
C LYS A 229 -3.16 -6.31 -12.43
N LYS A 230 -3.17 -4.99 -12.17
CA LYS A 230 -2.13 -4.39 -11.34
C LYS A 230 -2.18 -4.94 -9.92
N LEU A 231 -3.38 -5.07 -9.35
CA LEU A 231 -3.54 -5.60 -8.01
C LEU A 231 -3.09 -7.06 -7.94
N LEU A 232 -3.41 -7.84 -8.97
CA LEU A 232 -3.03 -9.25 -8.95
C LEU A 232 -1.53 -9.43 -9.13
N LYS A 233 -0.90 -8.55 -9.91
CA LYS A 233 0.56 -8.61 -10.04
C LYS A 233 1.24 -8.25 -8.72
N ASP A 234 0.71 -7.28 -8.00
CA ASP A 234 1.38 -6.73 -6.82
C ASP A 234 1.05 -7.47 -5.53
N HIS A 235 -0.12 -8.10 -5.43
CA HIS A 235 -0.60 -8.56 -4.14
C HIS A 235 -1.08 -10.00 -4.15
N ALA A 236 -0.88 -10.73 -5.24
CA ALA A 236 -1.11 -12.16 -5.29
C ALA A 236 0.19 -12.84 -5.71
N SER A 237 0.29 -14.12 -5.37
CA SER A 237 1.44 -14.94 -5.70
C SER A 237 1.05 -16.01 -6.72
N SER A 238 1.93 -16.23 -7.70
CA SER A 238 1.72 -17.33 -8.62
C SER A 238 2.11 -18.64 -7.93
N MET A 239 1.33 -19.66 -8.18
CA MET A 239 1.57 -20.99 -7.65
C MET A 239 2.00 -21.93 -8.75
N PRO A 240 2.63 -23.06 -8.41
CA PRO A 240 2.89 -24.07 -9.44
C PRO A 240 1.57 -24.57 -10.00
N ASN A 241 1.58 -24.90 -11.29
CA ASN A 241 0.39 -25.37 -11.99
C ASN A 241 -0.67 -24.28 -12.05
N ALA A 242 -0.24 -23.01 -12.02
CA ALA A 242 -1.19 -21.90 -12.12
C ALA A 242 -2.03 -21.98 -13.38
N GLU A 243 -1.47 -22.56 -14.45
CA GLU A 243 -2.21 -22.71 -15.70
C GLU A 243 -3.43 -23.61 -15.55
N SER A 244 -3.48 -24.41 -14.48
CA SER A 244 -4.61 -25.30 -14.23
C SER A 244 -5.69 -24.66 -13.37
N TRP A 245 -5.45 -23.47 -12.81
CA TRP A 245 -6.46 -22.79 -11.99
C TRP A 245 -7.40 -22.03 -12.90
N PRO A 246 -8.67 -22.44 -13.00
CA PRO A 246 -9.60 -21.77 -13.91
C PRO A 246 -9.86 -20.33 -13.51
N VAL A 247 -10.47 -19.60 -14.43
CA VAL A 247 -11.07 -18.30 -14.17
C VAL A 247 -12.58 -18.48 -14.28
N VAL A 248 -13.32 -17.93 -13.31
CA VAL A 248 -14.78 -17.98 -13.35
C VAL A 248 -15.32 -16.57 -13.41
N GLY A 249 -16.25 -16.32 -14.33
CA GLY A 249 -16.95 -15.05 -14.40
C GLY A 249 -18.43 -15.32 -14.42
N GLN A 250 -19.18 -14.50 -13.68
CA GLN A 250 -20.59 -14.74 -13.41
C GLN A 250 -21.29 -13.39 -13.48
N PHE A 251 -22.31 -13.25 -14.34
CA PHE A 251 -22.78 -11.91 -14.68
C PHE A 251 -24.24 -11.99 -15.09
N SER A 252 -24.85 -10.81 -15.25
CA SER A 252 -26.28 -10.75 -15.59
C SER A 252 -26.53 -10.13 -16.96
N SER A 253 -25.48 -9.68 -17.65
CA SER A 253 -25.60 -9.14 -18.99
C SER A 253 -24.28 -9.34 -19.70
N VAL A 254 -24.35 -9.39 -21.03
CA VAL A 254 -23.18 -9.55 -21.89
C VAL A 254 -23.22 -8.47 -22.95
N GLY A 255 -22.09 -7.84 -23.21
CA GLY A 255 -21.99 -6.88 -24.28
C GLY A 255 -21.53 -7.54 -25.57
N SER A 256 -21.34 -6.70 -26.59
N SER A 256 -21.34 -6.70 -26.59
CA SER A 256 -20.77 -7.19 -27.84
CA SER A 256 -20.76 -7.16 -27.84
C SER A 256 -19.27 -7.35 -27.66
C SER A 256 -19.26 -7.35 -27.63
N LEU A 257 -18.80 -8.59 -27.70
CA LEU A 257 -17.40 -8.89 -27.44
C LEU A 257 -16.57 -9.09 -28.70
N GLY A 258 -17.18 -9.11 -29.87
CA GLY A 258 -16.43 -9.24 -31.10
C GLY A 258 -16.74 -10.55 -31.80
N ALA A 259 -16.13 -10.69 -32.98
CA ALA A 259 -16.44 -11.79 -33.89
C ALA A 259 -15.85 -13.12 -33.43
N ASP A 260 -14.83 -13.10 -32.57
CA ASP A 260 -14.29 -14.32 -31.98
C ASP A 260 -13.62 -13.98 -30.65
N GLU A 261 -13.20 -15.03 -29.96
CA GLU A 261 -12.68 -14.86 -28.60
C GLU A 261 -11.38 -14.07 -28.58
N SER A 262 -10.63 -14.07 -29.68
CA SER A 262 -9.33 -13.38 -29.68
C SER A 262 -9.48 -11.87 -29.72
N LYS A 263 -10.67 -11.35 -30.02
CA LYS A 263 -10.84 -9.90 -30.16
C LYS A 263 -10.70 -9.18 -28.82
N TRP A 264 -11.26 -9.75 -27.76
CA TRP A 264 -11.23 -9.10 -26.44
C TRP A 264 -11.28 -10.11 -25.29
N LEU A 265 -12.15 -11.11 -25.39
CA LEU A 265 -12.44 -11.96 -24.24
C LEU A 265 -11.21 -12.71 -23.78
N CYS A 266 -10.51 -13.37 -24.69
CA CYS A 266 -9.37 -14.17 -24.31
C CYS A 266 -8.05 -13.49 -24.57
N SER A 267 -8.07 -12.29 -25.15
CA SER A 267 -6.84 -11.57 -25.46
C SER A 267 -6.47 -10.56 -24.39
N GLU A 268 -7.39 -9.68 -24.00
CA GLU A 268 -7.03 -8.75 -22.93
C GLU A 268 -7.81 -8.96 -21.65
N PHE A 269 -9.09 -9.33 -21.70
CA PHE A 269 -9.84 -9.57 -20.48
C PHE A 269 -9.29 -10.77 -19.72
N LYS A 270 -9.30 -11.95 -20.35
CA LYS A 270 -8.80 -13.15 -19.68
C LYS A 270 -7.35 -12.97 -19.27
N GLU A 271 -6.55 -12.26 -20.07
CA GLU A 271 -5.15 -12.07 -19.74
C GLU A 271 -4.98 -11.30 -18.44
N SER A 272 -5.79 -10.25 -18.24
CA SER A 272 -5.78 -9.57 -16.94
C SER A 272 -6.24 -10.51 -15.83
N MET A 273 -7.30 -11.30 -16.08
CA MET A 273 -7.78 -12.12 -14.98
C MET A 273 -6.87 -13.28 -14.62
N LEU A 274 -6.01 -13.71 -15.55
N LEU A 274 -6.00 -13.72 -15.53
CA LEU A 274 -5.05 -14.78 -15.31
CA LEU A 274 -5.10 -14.82 -15.19
C LEU A 274 -3.89 -14.35 -14.43
C LEU A 274 -3.77 -14.34 -14.62
N THR A 275 -3.64 -13.04 -14.35
CA THR A 275 -2.41 -12.55 -13.74
C THR A 275 -2.28 -12.99 -12.30
N LEU A 276 -1.08 -13.44 -11.94
CA LEU A 276 -0.74 -13.70 -10.55
C LEU A 276 0.74 -13.41 -10.35
N GLY A 277 1.05 -12.49 -9.46
CA GLY A 277 2.45 -12.22 -9.16
C GLY A 277 3.15 -11.44 -10.26
N LYS A 278 4.45 -11.23 -10.06
CA LYS A 278 5.21 -10.25 -10.83
C LYS A 278 6.01 -10.83 -12.00
N GLU A 279 5.89 -12.13 -12.27
CA GLU A 279 6.72 -12.76 -13.29
C GLU A 279 6.14 -12.53 -14.69
N SER A 280 6.86 -13.02 -15.69
CA SER A 280 6.47 -12.89 -17.08
C SER A 280 5.17 -13.63 -17.38
N SER A 286 -2.74 -19.16 -23.74
CA SER A 286 -3.00 -19.75 -22.44
C SER A 286 -4.08 -20.82 -22.49
N SER A 287 -3.85 -21.91 -21.76
CA SER A 287 -4.80 -23.01 -21.66
C SER A 287 -5.59 -22.97 -20.36
N VAL A 288 -5.59 -21.84 -19.65
CA VAL A 288 -6.37 -21.68 -18.43
C VAL A 288 -7.85 -21.79 -18.78
N PRO A 289 -8.60 -22.70 -18.15
CA PRO A 289 -10.03 -22.83 -18.46
C PRO A 289 -10.80 -21.59 -18.02
N LEU A 290 -11.78 -21.21 -18.83
CA LEU A 290 -12.62 -20.05 -18.55
C LEU A 290 -14.06 -20.53 -18.44
N TYR A 291 -14.65 -20.37 -17.25
CA TYR A 291 -16.05 -20.72 -17.02
C TYR A 291 -16.85 -19.43 -16.93
N LEU A 292 -17.89 -19.30 -17.74
CA LEU A 292 -18.79 -18.15 -17.67
C LEU A 292 -20.16 -18.65 -17.21
N ILE A 293 -20.71 -18.03 -16.17
CA ILE A 293 -22.00 -18.46 -15.59
C ILE A 293 -23.06 -17.42 -15.94
N TYR A 294 -24.11 -17.85 -16.63
CA TYR A 294 -25.14 -16.94 -17.08
C TYR A 294 -26.43 -17.74 -17.23
N PRO A 295 -27.57 -17.23 -16.76
CA PRO A 295 -28.80 -18.06 -16.74
C PRO A 295 -29.26 -18.53 -18.11
N SER A 296 -29.59 -19.81 -18.19
CA SER A 296 -30.26 -20.37 -19.35
C SER A 296 -31.72 -19.96 -19.36
N VAL A 297 -32.39 -20.19 -20.50
CA VAL A 297 -33.83 -19.96 -20.57
C VAL A 297 -34.56 -20.79 -19.52
N GLU A 298 -34.14 -22.05 -19.35
N GLU A 298 -34.14 -22.05 -19.33
CA GLU A 298 -34.78 -22.91 -18.35
CA GLU A 298 -34.79 -22.90 -18.35
C GLU A 298 -34.56 -22.38 -16.94
C GLU A 298 -34.55 -22.41 -16.93
N ASN A 299 -33.36 -21.86 -16.65
CA ASN A 299 -33.13 -21.24 -15.35
C ASN A 299 -34.16 -20.14 -15.07
N VAL A 300 -34.44 -19.30 -16.08
CA VAL A 300 -35.34 -18.16 -15.91
C VAL A 300 -36.78 -18.65 -15.82
N ARG A 301 -37.17 -19.57 -16.70
CA ARG A 301 -38.54 -20.07 -16.71
C ARG A 301 -38.95 -20.67 -15.36
N THR A 302 -38.07 -21.45 -14.74
CA THR A 302 -38.40 -22.11 -13.49
C THR A 302 -38.05 -21.29 -12.25
N SER A 303 -37.66 -20.04 -12.42
CA SER A 303 -37.24 -19.22 -11.29
C SER A 303 -38.45 -18.76 -10.47
N LEU A 304 -38.14 -18.18 -9.31
CA LEU A 304 -39.20 -17.67 -8.43
C LEU A 304 -40.03 -16.61 -9.12
N GLU A 305 -39.39 -15.72 -9.88
CA GLU A 305 -40.12 -14.69 -10.60
C GLU A 305 -40.73 -15.18 -11.90
N GLY A 306 -40.25 -16.30 -12.44
CA GLY A 306 -40.61 -16.70 -13.78
C GLY A 306 -39.93 -15.84 -14.83
N TYR A 307 -40.54 -15.84 -16.02
CA TYR A 307 -39.96 -15.12 -17.16
C TYR A 307 -39.68 -13.64 -16.85
N PRO A 308 -40.50 -12.94 -16.01
CA PRO A 308 -40.18 -11.54 -15.67
C PRO A 308 -38.78 -11.33 -15.11
N ALA A 309 -38.19 -12.37 -14.49
CA ALA A 309 -36.78 -12.26 -14.06
C ALA A 309 -35.88 -11.88 -15.22
N GLY A 310 -36.23 -12.31 -16.43
CA GLY A 310 -35.45 -11.99 -17.61
C GLY A 310 -35.50 -10.53 -18.01
N GLY A 311 -36.42 -9.75 -17.44
CA GLY A 311 -36.40 -8.32 -17.64
C GLY A 311 -35.14 -7.68 -17.09
N SER A 312 -34.45 -8.36 -16.18
CA SER A 312 -33.21 -7.88 -15.57
C SER A 312 -31.99 -8.63 -16.06
N LEU A 313 -32.10 -9.33 -17.19
CA LEU A 313 -31.00 -10.04 -17.83
C LEU A 313 -31.01 -9.60 -19.29
N PRO A 314 -30.51 -8.40 -19.59
CA PRO A 314 -30.82 -7.73 -20.87
C PRO A 314 -29.85 -8.06 -22.00
N TYR A 315 -29.69 -9.35 -22.29
CA TYR A 315 -28.92 -9.83 -23.44
C TYR A 315 -29.85 -9.84 -24.65
N SER A 316 -29.54 -9.02 -25.65
CA SER A 316 -30.42 -8.86 -26.81
C SER A 316 -30.07 -9.86 -27.91
N ILE A 317 -31.06 -10.19 -28.74
CA ILE A 317 -30.80 -11.12 -29.83
C ILE A 317 -29.84 -10.51 -30.85
N GLN A 318 -29.87 -9.19 -31.02
CA GLN A 318 -28.99 -8.53 -31.97
C GLN A 318 -27.53 -8.73 -31.59
N THR A 319 -27.21 -8.58 -30.31
CA THR A 319 -25.85 -8.83 -29.83
C THR A 319 -25.51 -10.31 -29.90
N ALA A 320 -26.40 -11.16 -29.41
CA ALA A 320 -26.09 -12.58 -29.25
C ALA A 320 -25.85 -13.25 -30.60
N GLU A 321 -26.63 -12.87 -31.62
CA GLU A 321 -26.48 -13.52 -32.92
C GLU A 321 -25.13 -13.24 -33.56
N LYS A 322 -24.44 -12.20 -33.11
CA LYS A 322 -23.12 -11.84 -33.64
C LYS A 322 -21.99 -12.59 -32.96
N GLN A 323 -22.27 -13.36 -31.91
CA GLN A 323 -21.21 -13.99 -31.13
C GLN A 323 -21.67 -15.34 -30.60
N ASN A 324 -22.18 -16.21 -31.47
CA ASN A 324 -22.55 -17.54 -31.02
C ASN A 324 -21.36 -18.31 -30.49
N TRP A 325 -20.13 -17.95 -30.92
CA TRP A 325 -18.94 -18.59 -30.37
C TRP A 325 -18.89 -18.50 -28.84
N LEU A 326 -19.47 -17.43 -28.29
CA LEU A 326 -19.39 -17.18 -26.86
C LEU A 326 -20.15 -18.22 -26.05
N HIS A 327 -21.25 -18.74 -26.60
CA HIS A 327 -22.15 -19.50 -25.76
C HIS A 327 -21.60 -20.87 -25.39
N SER A 328 -20.56 -21.36 -26.09
N SER A 328 -20.56 -21.35 -26.09
CA SER A 328 -19.92 -22.60 -25.67
CA SER A 328 -19.89 -22.59 -25.69
C SER A 328 -19.19 -22.44 -24.35
C SER A 328 -19.15 -22.43 -24.37
N TYR A 329 -19.01 -21.21 -23.86
CA TYR A 329 -18.39 -20.97 -22.57
C TYR A 329 -19.41 -20.94 -21.44
N PHE A 330 -20.70 -20.99 -21.73
CA PHE A 330 -21.73 -20.67 -20.74
C PHE A 330 -22.07 -21.88 -19.88
N HIS A 331 -22.26 -21.62 -18.59
CA HIS A 331 -22.63 -22.60 -17.59
C HIS A 331 -23.88 -22.11 -16.88
N LYS A 332 -24.70 -23.06 -16.41
CA LYS A 332 -25.98 -22.73 -15.80
C LYS A 332 -25.81 -22.03 -14.46
N TRP A 333 -26.85 -21.31 -14.06
CA TRP A 333 -26.94 -20.80 -12.70
C TRP A 333 -27.38 -21.91 -11.77
N SER A 334 -26.58 -22.17 -10.74
CA SER A 334 -26.91 -23.18 -9.74
C SER A 334 -26.37 -22.67 -8.41
N ALA A 335 -27.21 -22.65 -7.38
CA ALA A 335 -26.80 -22.09 -6.11
C ALA A 335 -27.45 -22.85 -4.94
N GLU A 336 -27.40 -24.19 -5.00
CA GLU A 336 -27.87 -24.98 -3.87
C GLU A 336 -27.16 -24.61 -2.57
N THR A 337 -25.88 -24.22 -2.66
CA THR A 337 -25.11 -23.89 -1.47
C THR A 337 -25.75 -22.77 -0.66
N SER A 338 -26.48 -21.86 -1.31
CA SER A 338 -27.15 -20.75 -0.64
C SER A 338 -28.66 -20.80 -0.82
N GLY A 339 -29.21 -21.92 -1.27
CA GLY A 339 -30.64 -22.05 -1.48
C GLY A 339 -31.22 -21.14 -2.55
N ARG A 340 -30.39 -20.70 -3.50
CA ARG A 340 -30.77 -19.63 -4.42
C ARG A 340 -30.75 -20.04 -5.89
N SER A 341 -30.87 -21.35 -6.18
CA SER A 341 -30.93 -21.78 -7.57
C SER A 341 -32.08 -21.14 -8.33
N ASN A 342 -33.20 -20.85 -7.66
CA ASN A 342 -34.36 -20.26 -8.32
C ASN A 342 -34.45 -18.74 -8.13
N ALA A 343 -33.41 -18.12 -7.57
CA ALA A 343 -33.36 -16.67 -7.37
C ALA A 343 -32.37 -16.14 -8.39
N MET A 344 -32.87 -15.58 -9.49
CA MET A 344 -31.96 -15.28 -10.60
C MET A 344 -30.90 -14.27 -10.19
N PRO A 345 -29.69 -14.40 -10.74
CA PRO A 345 -28.58 -13.56 -10.30
C PRO A 345 -28.64 -12.17 -10.90
N HIS A 346 -28.50 -11.16 -10.05
CA HIS A 346 -28.14 -9.83 -10.48
C HIS A 346 -26.80 -9.42 -9.89
N ILE A 347 -26.26 -10.23 -8.98
CA ILE A 347 -24.87 -10.10 -8.55
C ILE A 347 -23.94 -10.38 -9.74
N LYS A 348 -22.74 -9.79 -9.73
CA LYS A 348 -21.70 -10.16 -10.68
C LYS A 348 -20.47 -10.50 -9.85
N THR A 349 -19.83 -11.61 -10.17
CA THR A 349 -18.65 -12.05 -9.42
C THR A 349 -17.62 -12.63 -10.38
N TYR A 350 -16.36 -12.55 -9.98
CA TYR A 350 -15.26 -13.10 -10.74
C TYR A 350 -14.31 -13.69 -9.72
N MET A 351 -13.72 -14.86 -10.03
CA MET A 351 -12.84 -15.49 -9.06
C MET A 351 -11.90 -16.47 -9.77
N ARG A 352 -10.92 -16.97 -9.00
CA ARG A 352 -9.86 -17.83 -9.52
C ARG A 352 -9.76 -19.09 -8.65
N PRO A 353 -10.59 -20.09 -8.92
N PRO A 353 -10.60 -20.09 -8.91
CA PRO A 353 -10.55 -21.32 -8.13
CA PRO A 353 -10.54 -21.31 -8.12
C PRO A 353 -9.37 -22.22 -8.51
C PRO A 353 -9.37 -22.21 -8.50
N SER A 354 -9.05 -23.13 -7.59
CA SER A 354 -8.06 -24.16 -7.82
C SER A 354 -8.66 -25.21 -8.77
N PRO A 355 -7.83 -26.11 -9.31
CA PRO A 355 -8.37 -27.07 -10.29
C PRO A 355 -9.47 -27.96 -9.74
N ASP A 356 -9.49 -28.25 -8.44
CA ASP A 356 -10.59 -29.01 -7.87
C ASP A 356 -11.63 -28.14 -7.16
N PHE A 357 -11.59 -26.83 -7.38
CA PHE A 357 -12.57 -25.87 -6.87
C PHE A 357 -12.68 -25.87 -5.34
N SER A 358 -11.65 -26.33 -4.63
CA SER A 358 -11.68 -26.35 -3.18
C SER A 358 -11.08 -25.10 -2.55
N LYS A 359 -10.29 -24.35 -3.31
CA LYS A 359 -9.66 -23.11 -2.87
C LYS A 359 -9.90 -22.04 -3.93
N ILE A 360 -9.73 -20.77 -3.56
CA ILE A 360 -9.73 -19.68 -4.52
C ILE A 360 -8.57 -18.75 -4.23
N ALA A 361 -7.93 -18.26 -5.29
CA ALA A 361 -6.83 -17.31 -5.14
C ALA A 361 -7.30 -15.88 -4.91
N TRP A 362 -8.56 -15.58 -5.23
CA TRP A 362 -9.16 -14.27 -5.04
C TRP A 362 -10.63 -14.32 -5.44
N PHE A 363 -11.37 -13.30 -5.02
CA PHE A 363 -12.80 -13.21 -5.31
C PHE A 363 -13.15 -11.73 -5.46
N LEU A 364 -13.93 -11.39 -6.48
CA LEU A 364 -14.36 -10.02 -6.73
C LEU A 364 -15.87 -9.98 -6.84
N VAL A 365 -16.52 -9.07 -6.12
CA VAL A 365 -17.93 -8.80 -6.31
C VAL A 365 -18.04 -7.38 -6.85
N THR A 366 -18.88 -7.18 -7.87
CA THR A 366 -18.85 -5.90 -8.56
C THR A 366 -20.18 -5.67 -9.28
N SER A 367 -20.36 -4.42 -9.73
CA SER A 367 -21.45 -4.09 -10.63
C SER A 367 -21.13 -4.41 -12.09
N ALA A 368 -19.87 -4.71 -12.41
CA ALA A 368 -19.41 -4.82 -13.79
C ALA A 368 -19.86 -6.14 -14.43
N ASN A 369 -20.64 -6.03 -15.51
CA ASN A 369 -21.02 -7.16 -16.34
C ASN A 369 -19.91 -7.51 -17.32
N LEU A 370 -20.14 -8.53 -18.15
CA LEU A 370 -19.10 -9.00 -19.08
C LEU A 370 -19.17 -8.13 -20.33
N SER A 371 -18.55 -6.96 -20.26
CA SER A 371 -18.63 -6.01 -21.37
C SER A 371 -17.41 -5.12 -21.41
N LYS A 372 -17.07 -4.69 -22.63
CA LYS A 372 -15.98 -3.74 -22.83
C LYS A 372 -16.29 -2.39 -22.20
N ALA A 373 -17.57 -2.00 -22.20
CA ALA A 373 -17.97 -0.72 -21.63
C ALA A 373 -17.59 -0.64 -20.16
N ALA A 374 -17.76 -1.76 -19.43
CA ALA A 374 -17.54 -1.81 -17.99
C ALA A 374 -16.09 -2.04 -17.64
N TRP A 375 -15.41 -2.91 -18.38
CA TRP A 375 -14.07 -3.33 -18.02
C TRP A 375 -13.00 -2.58 -18.78
N GLY A 376 -13.35 -1.95 -19.89
CA GLY A 376 -12.40 -1.23 -20.69
C GLY A 376 -11.89 -2.05 -21.87
N ALA A 377 -11.53 -1.34 -22.94
CA ALA A 377 -10.94 -1.96 -24.12
C ALA A 377 -9.75 -1.13 -24.57
N LEU A 378 -8.67 -1.83 -24.94
CA LEU A 378 -7.45 -1.15 -25.37
C LEU A 378 -7.67 -0.46 -26.71
N GLU A 379 -7.08 0.73 -26.85
CA GLU A 379 -7.14 1.56 -28.04
C GLU A 379 -5.74 2.08 -28.34
N LYS A 380 -5.59 2.69 -29.52
CA LYS A 380 -4.36 3.41 -29.89
C LYS A 380 -3.12 2.52 -29.75
N ASN A 381 -3.13 1.40 -30.46
CA ASN A 381 -1.96 0.53 -30.52
C ASN A 381 -1.64 -0.05 -29.14
N GLY A 382 -2.66 -0.29 -28.33
CA GLY A 382 -2.47 -0.84 -27.00
C GLY A 382 -1.98 0.12 -25.94
N THR A 383 -1.98 1.42 -26.22
CA THR A 383 -1.45 2.39 -25.26
C THR A 383 -2.52 3.08 -24.43
N GLN A 384 -3.80 2.85 -24.73
CA GLN A 384 -4.87 3.61 -24.10
C GLN A 384 -5.99 2.66 -23.73
N LEU A 385 -6.51 2.77 -22.50
CA LEU A 385 -7.65 1.98 -22.06
C LEU A 385 -8.88 2.89 -22.05
N MET A 386 -9.88 2.55 -22.85
CA MET A 386 -11.09 3.34 -22.95
C MET A 386 -12.22 2.64 -22.21
N ILE A 387 -12.83 3.36 -21.27
CA ILE A 387 -13.95 2.87 -20.46
C ILE A 387 -15.14 3.78 -20.69
N ARG A 388 -16.32 3.20 -20.85
CA ARG A 388 -17.48 4.03 -21.10
C ARG A 388 -18.31 4.33 -19.86
N SER A 389 -18.24 3.49 -18.83
N SER A 389 -18.22 3.49 -18.83
CA SER A 389 -19.23 3.51 -17.76
CA SER A 389 -19.21 3.48 -17.76
C SER A 389 -18.57 3.61 -16.39
C SER A 389 -18.56 3.63 -16.39
N TYR A 390 -19.38 3.97 -15.41
CA TYR A 390 -19.01 3.89 -13.99
C TYR A 390 -19.37 2.50 -13.48
N GLU A 391 -18.42 1.86 -12.80
CA GLU A 391 -18.63 0.57 -12.14
C GLU A 391 -17.84 0.55 -10.84
N LEU A 392 -18.22 -0.33 -9.93
CA LEU A 392 -17.51 -0.43 -8.65
C LEU A 392 -17.64 -1.82 -8.05
N GLY A 393 -16.53 -2.32 -7.51
CA GLY A 393 -16.56 -3.61 -6.85
C GLY A 393 -15.44 -3.66 -5.82
N VAL A 394 -15.41 -4.75 -5.05
CA VAL A 394 -14.34 -4.93 -4.07
C VAL A 394 -13.71 -6.29 -4.29
N LEU A 395 -12.39 -6.32 -4.11
CA LEU A 395 -11.57 -7.50 -4.35
C LEU A 395 -11.07 -8.05 -3.02
N PHE A 396 -11.29 -9.36 -2.81
CA PHE A 396 -10.81 -10.10 -1.65
C PHE A 396 -9.57 -10.87 -2.08
N LEU A 397 -8.41 -10.49 -1.52
CA LEU A 397 -7.13 -11.15 -1.77
C LEU A 397 -6.65 -11.85 -0.50
N PRO A 398 -6.22 -13.10 -0.59
CA PRO A 398 -5.75 -13.81 0.61
C PRO A 398 -4.67 -13.05 1.36
N SER A 399 -3.75 -12.41 0.64
CA SER A 399 -2.66 -11.68 1.31
C SER A 399 -3.20 -10.60 2.24
N ALA A 400 -4.34 -10.01 1.92
CA ALA A 400 -4.90 -8.98 2.80
C ALA A 400 -5.46 -9.56 4.09
N PHE A 401 -5.57 -10.89 4.17
CA PHE A 401 -6.05 -11.55 5.39
C PHE A 401 -4.97 -12.43 6.00
N GLY A 402 -3.73 -12.27 5.55
CA GLY A 402 -2.64 -13.08 6.06
C GLY A 402 -2.63 -14.52 5.58
N LEU A 403 -3.20 -14.78 4.40
CA LEU A 403 -3.38 -16.14 3.92
C LEU A 403 -2.77 -16.30 2.54
N ASP A 404 -2.56 -17.57 2.14
CA ASP A 404 -2.08 -17.88 0.80
C ASP A 404 -3.21 -18.12 -0.18
N SER A 405 -4.33 -18.65 0.31
CA SER A 405 -5.53 -18.86 -0.49
C SER A 405 -6.70 -18.89 0.48
N PHE A 406 -7.92 -18.81 -0.07
CA PHE A 406 -9.15 -18.99 0.68
C PHE A 406 -9.67 -20.40 0.46
N LYS A 407 -10.06 -21.07 1.54
CA LYS A 407 -10.84 -22.29 1.38
C LYS A 407 -12.27 -21.91 1.02
N VAL A 408 -12.88 -22.69 0.14
CA VAL A 408 -14.28 -22.41 -0.23
C VAL A 408 -15.20 -22.97 0.84
N LYS A 409 -16.10 -22.12 1.35
CA LYS A 409 -17.10 -22.56 2.31
C LYS A 409 -18.07 -23.55 1.65
N GLN A 410 -18.30 -24.69 2.30
CA GLN A 410 -19.09 -25.74 1.66
C GLN A 410 -20.58 -25.40 1.64
N LYS A 411 -21.08 -24.74 2.68
CA LYS A 411 -22.45 -24.25 2.72
C LYS A 411 -22.41 -22.77 3.10
N PHE A 412 -23.02 -21.93 2.24
CA PHE A 412 -22.85 -20.48 2.35
C PHE A 412 -23.23 -19.96 3.73
N PHE A 413 -24.34 -20.43 4.29
CA PHE A 413 -24.86 -19.95 5.56
C PHE A 413 -24.50 -20.85 6.74
N ALA A 414 -23.52 -21.74 6.58
CA ALA A 414 -23.20 -22.70 7.62
C ALA A 414 -22.08 -22.17 8.52
N GLY A 415 -21.51 -23.05 9.34
CA GLY A 415 -20.44 -22.68 10.24
C GLY A 415 -19.06 -22.98 9.71
N PRO A 419 -13.52 -23.02 10.60
CA PRO A 419 -12.74 -21.79 10.75
C PRO A 419 -13.22 -20.67 9.84
N MET A 420 -13.60 -19.53 10.42
CA MET A 420 -14.23 -18.45 9.70
C MET A 420 -13.39 -17.89 8.55
N ALA A 421 -12.17 -18.42 8.35
CA ALA A 421 -11.30 -18.04 7.25
C ALA A 421 -11.62 -18.80 5.95
N THR A 422 -12.85 -19.24 5.77
CA THR A 422 -13.30 -19.87 4.53
C THR A 422 -14.26 -18.93 3.81
N PHE A 423 -14.09 -18.83 2.49
CA PHE A 423 -14.81 -17.74 1.83
C PHE A 423 -16.20 -18.19 1.37
N PRO A 424 -17.24 -17.40 1.62
CA PRO A 424 -18.59 -17.81 1.24
C PRO A 424 -18.89 -17.56 -0.24
N VAL A 425 -18.59 -18.52 -1.09
CA VAL A 425 -18.95 -18.43 -2.51
C VAL A 425 -20.44 -18.72 -2.64
N PRO A 426 -21.22 -17.85 -3.29
CA PRO A 426 -22.69 -17.96 -3.21
C PRO A 426 -23.34 -18.91 -4.22
N TYR A 427 -22.58 -19.47 -5.17
CA TYR A 427 -23.15 -20.45 -6.10
C TYR A 427 -22.28 -21.70 -6.10
N ASP A 428 -22.80 -22.73 -6.75
CA ASP A 428 -22.22 -24.07 -6.69
C ASP A 428 -20.98 -24.18 -7.56
N LEU A 429 -20.01 -24.97 -7.09
CA LEU A 429 -18.84 -25.34 -7.85
C LEU A 429 -18.73 -26.86 -7.92
N PRO A 430 -18.23 -27.41 -9.04
CA PRO A 430 -17.88 -26.70 -10.26
C PRO A 430 -19.15 -26.28 -11.01
N PRO A 431 -19.04 -25.25 -11.84
CA PRO A 431 -20.18 -24.84 -12.64
C PRO A 431 -20.54 -25.90 -13.65
N GLU A 432 -21.83 -25.98 -13.99
CA GLU A 432 -22.36 -27.01 -14.88
C GLU A 432 -22.58 -26.45 -16.27
N LEU A 433 -21.95 -27.07 -17.27
CA LEU A 433 -22.08 -26.60 -18.64
C LEU A 433 -23.52 -26.70 -19.13
N TYR A 434 -23.93 -25.74 -19.96
CA TYR A 434 -25.23 -25.86 -20.63
C TYR A 434 -25.35 -27.22 -21.29
N GLY A 435 -26.54 -27.80 -21.23
CA GLY A 435 -26.84 -28.96 -22.04
C GLY A 435 -27.08 -28.59 -23.50
N SER A 436 -27.15 -29.62 -24.35
CA SER A 436 -27.24 -29.37 -25.79
C SER A 436 -28.53 -28.64 -26.15
N LYS A 437 -29.58 -28.81 -25.35
CA LYS A 437 -30.85 -28.15 -25.58
C LYS A 437 -30.98 -26.83 -24.84
N ASP A 438 -29.99 -26.46 -24.03
CA ASP A 438 -30.07 -25.19 -23.32
C ASP A 438 -29.68 -24.04 -24.24
N ARG A 439 -30.22 -22.86 -23.94
CA ARG A 439 -29.92 -21.64 -24.65
C ARG A 439 -29.72 -20.53 -23.63
N PRO A 440 -28.90 -19.54 -23.94
CA PRO A 440 -28.77 -18.42 -23.01
C PRO A 440 -30.04 -17.61 -23.00
N TRP A 441 -30.37 -17.07 -21.82
CA TRP A 441 -31.51 -16.17 -21.77
C TRP A 441 -31.27 -14.96 -22.65
N ILE A 442 -32.20 -14.71 -23.57
CA ILE A 442 -32.14 -13.56 -24.48
C ILE A 442 -33.48 -12.85 -24.34
N TRP A 443 -33.44 -11.58 -23.92
CA TRP A 443 -34.63 -11.01 -23.31
C TRP A 443 -35.66 -10.50 -24.32
N ASN A 444 -35.28 -10.28 -25.57
CA ASN A 444 -36.19 -9.67 -26.55
C ASN A 444 -36.56 -10.63 -27.68
N ILE A 445 -36.77 -11.90 -27.35
CA ILE A 445 -37.43 -12.86 -28.24
C ILE A 445 -38.48 -13.60 -27.42
N PRO A 446 -39.49 -14.18 -28.06
CA PRO A 446 -40.54 -14.85 -27.29
C PRO A 446 -40.20 -16.28 -26.87
N TYR A 447 -40.78 -16.69 -25.75
CA TYR A 447 -40.70 -18.07 -25.26
C TYR A 447 -42.12 -18.55 -25.00
N VAL A 448 -42.62 -19.41 -25.86
CA VAL A 448 -44.04 -19.77 -25.83
C VAL A 448 -44.22 -21.28 -25.85
N LYS A 449 -43.14 -22.03 -25.63
CA LYS A 449 -43.23 -23.49 -25.63
C LYS A 449 -43.65 -24.04 -24.27
N ALA A 450 -43.23 -23.40 -23.17
CA ALA A 450 -43.55 -23.90 -21.85
C ALA A 450 -43.73 -22.73 -20.89
N PRO A 451 -44.73 -22.78 -20.01
CA PRO A 451 -45.02 -21.64 -19.14
C PRO A 451 -44.11 -21.59 -17.91
N ASP A 452 -44.09 -20.41 -17.28
CA ASP A 452 -43.19 -20.19 -16.15
C ASP A 452 -43.91 -20.56 -14.84
N THR A 453 -43.27 -20.28 -13.71
CA THR A 453 -43.82 -20.67 -12.41
C THR A 453 -45.11 -19.93 -12.06
N HIS A 454 -45.48 -18.91 -12.83
CA HIS A 454 -46.73 -18.18 -12.62
C HIS A 454 -47.76 -18.49 -13.69
N GLY A 455 -47.47 -19.41 -14.60
CA GLY A 455 -48.41 -19.82 -15.62
C GLY A 455 -48.35 -19.05 -16.92
N ASN A 456 -47.33 -18.21 -17.12
CA ASN A 456 -47.27 -17.29 -18.25
C ASN A 456 -46.18 -17.64 -19.24
N MET A 457 -46.36 -17.16 -20.47
CA MET A 457 -45.32 -17.17 -21.49
C MET A 457 -44.58 -15.83 -21.47
N TRP A 458 -43.62 -15.68 -22.38
CA TRP A 458 -42.83 -14.46 -22.53
C TRP A 458 -43.02 -13.96 -23.95
N VAL A 459 -43.71 -12.84 -24.09
CA VAL A 459 -43.97 -12.26 -25.41
C VAL A 459 -43.56 -10.79 -25.38
N PRO A 460 -42.32 -10.46 -25.73
CA PRO A 460 -41.81 -9.08 -25.71
C PRO A 460 -42.32 -8.24 -26.87
N ASN B 15 4.68 13.33 19.99
CA ASN B 15 5.01 13.46 18.58
C ASN B 15 4.65 12.18 17.83
N PRO B 16 4.37 12.31 16.53
CA PRO B 16 4.08 11.11 15.73
C PRO B 16 5.33 10.49 15.16
N PHE B 17 6.45 11.23 15.12
CA PHE B 17 7.51 10.79 14.24
C PHE B 17 8.46 9.81 14.88
N GLN B 18 8.61 9.83 16.21
CA GLN B 18 9.48 8.88 16.91
C GLN B 18 10.89 8.86 16.32
N PHE B 19 11.39 10.05 15.98
CA PHE B 19 12.74 10.23 15.49
C PHE B 19 13.54 10.89 16.59
N TYR B 20 14.62 10.23 17.02
CA TYR B 20 15.42 10.68 18.17
C TYR B 20 16.87 10.87 17.78
N LEU B 21 17.56 11.71 18.54
CA LEU B 21 19.01 11.73 18.48
C LEU B 21 19.59 10.97 19.67
N THR B 22 20.84 10.54 19.51
CA THR B 22 21.50 9.91 20.65
C THR B 22 21.96 10.98 21.63
N ARG B 23 22.11 10.57 22.89
CA ARG B 23 22.66 11.46 23.92
C ARG B 23 24.10 11.84 23.60
N VAL B 24 24.46 13.10 23.87
CA VAL B 24 25.81 13.59 23.63
C VAL B 24 26.39 14.02 24.97
N SER B 25 27.53 13.44 25.34
N SER B 25 27.53 13.44 25.35
CA SER B 25 28.21 13.83 26.57
CA SER B 25 28.23 13.83 26.56
C SER B 25 28.93 15.15 26.34
C SER B 25 28.93 15.16 26.34
N GLY B 26 28.78 16.07 27.30
CA GLY B 26 29.50 17.32 27.25
C GLY B 26 28.74 18.49 26.68
N VAL B 27 27.44 18.35 26.47
CA VAL B 27 26.57 19.48 26.18
C VAL B 27 25.61 19.65 27.34
N LYS B 28 24.99 20.85 27.40
CA LYS B 28 24.06 21.18 28.47
C LYS B 28 22.90 20.18 28.49
N PRO B 29 22.41 19.79 29.67
CA PRO B 29 21.27 18.86 29.75
C PRO B 29 20.07 19.15 28.86
N LYS B 30 19.78 20.42 28.56
CA LYS B 30 18.61 20.71 27.73
C LYS B 30 18.73 20.13 26.33
N TYR B 31 19.94 19.90 25.85
CA TYR B 31 20.15 19.29 24.53
C TYR B 31 20.13 17.77 24.58
N ASN B 32 19.88 17.17 25.73
CA ASN B 32 19.72 15.73 25.84
C ASN B 32 18.35 15.33 26.36
N SER B 33 17.46 16.29 26.64
CA SER B 33 16.19 15.93 27.26
C SER B 33 15.35 15.04 26.34
N GLY B 34 15.34 15.33 25.05
CA GLY B 34 14.65 14.47 24.11
C GLY B 34 15.47 13.36 23.49
N ALA B 35 16.70 13.12 23.96
CA ALA B 35 17.62 12.20 23.32
C ALA B 35 17.59 10.82 23.99
N LEU B 36 18.18 9.83 23.31
CA LEU B 36 18.14 8.44 23.76
C LEU B 36 19.53 7.85 23.79
N HIS B 37 19.88 7.20 24.90
CA HIS B 37 21.07 6.37 24.96
C HIS B 37 20.67 4.92 24.74
N ILE B 38 21.63 4.09 24.34
CA ILE B 38 21.32 2.68 24.09
C ILE B 38 20.78 2.03 25.35
N LYS B 39 21.25 2.46 26.53
CA LYS B 39 20.67 1.93 27.76
C LYS B 39 19.19 2.26 27.89
N ASP B 40 18.77 3.42 27.37
CA ASP B 40 17.35 3.77 27.40
C ASP B 40 16.55 2.83 26.49
N ILE B 41 17.11 2.50 25.33
CA ILE B 41 16.38 1.68 24.38
C ILE B 41 16.14 0.28 24.93
N LEU B 42 17.12 -0.26 25.66
CA LEU B 42 17.06 -1.63 26.15
C LEU B 42 16.45 -1.73 27.54
N SER B 43 16.00 -0.61 28.12
CA SER B 43 15.49 -0.59 29.48
C SER B 43 14.19 -1.40 29.61
N PRO B 44 13.88 -1.91 30.81
N PRO B 44 13.89 -1.91 30.80
CA PRO B 44 12.62 -2.63 30.98
CA PRO B 44 12.62 -2.63 31.00
C PRO B 44 11.39 -1.76 30.82
C PRO B 44 11.39 -1.76 30.82
N LEU B 45 11.54 -0.43 30.87
CA LEU B 45 10.42 0.46 30.60
C LEU B 45 9.91 0.29 29.17
N PHE B 46 10.72 -0.25 28.27
CA PHE B 46 10.32 -0.45 26.88
C PHE B 46 9.70 -1.82 26.63
N GLY B 47 9.74 -2.73 27.59
CA GLY B 47 9.21 -4.07 27.44
C GLY B 47 10.10 -5.10 28.10
N THR B 48 9.54 -6.29 28.36
CA THR B 48 10.24 -7.38 29.04
C THR B 48 10.94 -8.26 28.00
N LEU B 49 12.24 -8.08 27.85
CA LEU B 49 12.95 -8.68 26.74
C LEU B 49 12.97 -10.21 26.82
N VAL B 50 12.74 -10.84 25.68
CA VAL B 50 12.83 -12.28 25.54
C VAL B 50 14.00 -12.68 24.66
N SER B 51 14.24 -11.93 23.59
N SER B 51 14.25 -11.91 23.61
CA SER B 51 15.39 -12.15 22.73
CA SER B 51 15.30 -12.19 22.64
C SER B 51 15.57 -10.90 21.89
C SER B 51 15.54 -10.92 21.82
N SER B 52 16.72 -10.82 21.22
CA SER B 52 17.03 -9.65 20.42
C SER B 52 17.97 -10.01 19.28
N ALA B 53 17.92 -9.19 18.24
CA ALA B 53 18.85 -9.26 17.13
C ALA B 53 19.48 -7.89 16.95
N GLN B 54 20.80 -7.88 16.75
CA GLN B 54 21.56 -6.65 16.52
C GLN B 54 22.22 -6.73 15.16
N PHE B 55 21.71 -5.96 14.21
CA PHE B 55 22.34 -5.81 12.90
C PHE B 55 23.28 -4.62 13.01
N ASN B 56 24.52 -4.79 12.58
CA ASN B 56 25.47 -3.68 12.66
C ASN B 56 26.71 -3.99 11.84
N TYR B 57 27.63 -3.03 11.83
CA TYR B 57 28.90 -3.13 11.14
C TYR B 57 30.03 -3.44 12.13
N CYS B 58 30.17 -2.61 13.16
N CYS B 58 30.16 -2.66 13.20
CA CYS B 58 31.16 -2.78 14.20
CA CYS B 58 31.24 -2.82 14.17
C CYS B 58 30.49 -3.22 15.49
C CYS B 58 30.65 -3.06 15.56
N PHE B 59 31.18 -4.07 16.26
CA PHE B 59 30.66 -4.52 17.54
C PHE B 59 31.78 -4.50 18.59
N ASP B 60 31.44 -4.07 19.79
CA ASP B 60 32.24 -4.30 21.00
C ASP B 60 31.34 -5.12 21.91
N VAL B 61 31.51 -6.45 21.91
CA VAL B 61 30.52 -7.32 22.54
C VAL B 61 30.50 -7.10 24.05
N ASP B 62 31.68 -6.95 24.67
N ASP B 62 31.68 -6.93 24.67
CA ASP B 62 31.72 -6.69 26.10
CA ASP B 62 31.71 -6.70 26.10
C ASP B 62 30.94 -5.44 26.44
C ASP B 62 30.96 -5.42 26.47
N TRP B 63 31.18 -4.35 25.70
CA TRP B 63 30.43 -3.12 25.92
C TRP B 63 28.93 -3.34 25.65
N LEU B 64 28.61 -4.05 24.57
CA LEU B 64 27.22 -4.23 24.18
C LEU B 64 26.42 -4.94 25.26
N VAL B 65 26.97 -6.02 25.82
CA VAL B 65 26.22 -6.79 26.81
C VAL B 65 25.93 -5.94 28.05
N LYS B 66 26.88 -5.08 28.44
CA LYS B 66 26.68 -4.20 29.59
C LYS B 66 25.61 -3.14 29.35
N GLN B 67 25.24 -2.86 28.09
CA GLN B 67 24.15 -1.93 27.84
C GLN B 67 22.78 -2.55 28.07
N TYR B 68 22.66 -3.89 27.99
CA TYR B 68 21.43 -4.52 28.38
C TYR B 68 21.27 -4.47 29.90
N PRO B 69 20.03 -4.34 30.38
CA PRO B 69 19.82 -4.36 31.83
C PRO B 69 20.28 -5.68 32.42
N PRO B 70 20.70 -5.68 33.68
CA PRO B 70 21.22 -6.93 34.27
C PRO B 70 20.30 -8.12 34.10
N GLU B 71 19.00 -7.95 34.33
CA GLU B 71 18.05 -9.05 34.23
C GLU B 71 17.84 -9.56 32.80
N PHE B 72 18.36 -8.87 31.78
CA PHE B 72 18.20 -9.30 30.39
C PHE B 72 19.49 -9.78 29.76
N ARG B 73 20.62 -9.70 30.47
CA ARG B 73 21.90 -9.95 29.85
C ARG B 73 22.10 -11.39 29.42
N LYS B 74 21.27 -12.32 29.87
CA LYS B 74 21.40 -13.71 29.47
C LYS B 74 20.40 -14.12 28.39
N LYS B 75 19.46 -13.25 28.02
CA LYS B 75 18.55 -13.55 26.92
C LYS B 75 19.33 -13.73 25.62
N PRO B 76 18.82 -14.52 24.68
CA PRO B 76 19.58 -14.76 23.45
C PRO B 76 19.76 -13.47 22.64
N ILE B 77 20.93 -13.35 22.02
CA ILE B 77 21.27 -12.20 21.19
C ILE B 77 21.86 -12.71 19.89
N LEU B 78 21.35 -12.22 18.78
CA LEU B 78 21.87 -12.56 17.46
C LEU B 78 22.60 -11.36 16.88
N LEU B 79 23.89 -11.53 16.59
CA LEU B 79 24.68 -10.49 15.96
C LEU B 79 24.70 -10.74 14.46
N VAL B 80 24.15 -9.82 13.68
CA VAL B 80 24.20 -9.91 12.22
C VAL B 80 25.29 -8.97 11.72
N HIS B 81 26.33 -9.53 11.09
CA HIS B 81 27.53 -8.81 10.70
C HIS B 81 27.94 -9.20 9.28
N GLY B 82 28.92 -8.51 8.73
CA GLY B 82 29.42 -8.84 7.41
C GLY B 82 30.89 -9.24 7.35
N ASP B 83 31.47 -9.56 8.51
CA ASP B 83 32.90 -9.77 8.61
C ASP B 83 33.32 -11.10 7.99
N LYS B 84 34.52 -11.10 7.38
CA LYS B 84 35.09 -12.29 6.75
C LYS B 84 36.47 -12.59 7.31
N ARG B 85 36.89 -13.85 7.15
CA ARG B 85 38.26 -14.29 7.42
C ARG B 85 38.73 -13.93 8.83
N GLU B 86 39.82 -13.15 8.91
CA GLU B 86 40.41 -12.82 10.21
C GLU B 86 39.46 -11.98 11.06
N ALA B 87 38.85 -10.96 10.45
CA ALA B 87 37.88 -10.14 11.17
C ALA B 87 36.74 -10.99 11.72
N LYS B 88 36.27 -11.96 10.93
CA LYS B 88 35.20 -12.83 11.38
C LYS B 88 35.64 -13.65 12.60
N ALA B 89 36.87 -14.17 12.59
CA ALA B 89 37.37 -14.92 13.73
C ALA B 89 37.43 -14.04 14.97
N HIS B 90 37.89 -12.80 14.83
CA HIS B 90 37.97 -11.90 15.98
C HIS B 90 36.60 -11.67 16.59
N LEU B 91 35.57 -11.49 15.75
CA LEU B 91 34.23 -11.28 16.30
C LEU B 91 33.75 -12.51 17.05
N HIS B 92 33.98 -13.70 16.50
CA HIS B 92 33.64 -14.93 17.21
C HIS B 92 34.39 -15.02 18.53
N ALA B 93 35.66 -14.64 18.53
CA ALA B 93 36.44 -14.61 19.76
C ALA B 93 35.80 -13.70 20.80
N GLN B 94 35.34 -12.51 20.37
CA GLN B 94 34.66 -11.60 21.29
C GLN B 94 33.44 -12.23 21.93
N ALA B 95 32.66 -12.98 21.14
CA ALA B 95 31.38 -13.47 21.60
C ALA B 95 31.48 -14.77 22.38
N LYS B 96 32.59 -15.51 22.23
CA LYS B 96 32.75 -16.80 22.90
C LYS B 96 32.43 -16.78 24.39
N PRO B 97 32.85 -15.79 25.19
CA PRO B 97 32.51 -15.82 26.63
C PRO B 97 31.02 -15.80 26.95
N TYR B 98 30.14 -15.43 26.02
CA TYR B 98 28.70 -15.30 26.29
C TYR B 98 27.97 -16.38 25.50
N GLU B 99 27.42 -17.36 26.23
CA GLU B 99 26.81 -18.54 25.60
C GLU B 99 25.47 -18.23 24.95
N ASN B 100 24.88 -17.09 25.24
CA ASN B 100 23.60 -16.69 24.67
C ASN B 100 23.74 -15.91 23.37
N ILE B 101 24.95 -15.71 22.87
CA ILE B 101 25.17 -14.86 21.71
C ILE B 101 25.45 -15.74 20.51
N SER B 102 24.55 -15.68 19.52
CA SER B 102 24.75 -16.32 18.24
C SER B 102 25.12 -15.28 17.19
N LEU B 103 25.73 -15.76 16.11
CA LEU B 103 26.24 -14.88 15.06
C LEU B 103 25.69 -15.30 13.71
N CYS B 104 25.51 -14.31 12.83
CA CYS B 104 25.00 -14.52 11.48
C CYS B 104 25.83 -13.68 10.52
N GLN B 105 26.59 -14.33 9.65
CA GLN B 105 27.43 -13.63 8.70
C GLN B 105 26.63 -13.36 7.44
N ALA B 106 26.30 -12.08 7.21
CA ALA B 106 25.62 -11.67 6.01
C ALA B 106 26.50 -11.94 4.80
N LYS B 107 25.94 -12.63 3.80
CA LYS B 107 26.72 -12.94 2.60
C LYS B 107 26.99 -11.65 1.82
N LEU B 108 28.24 -11.52 1.36
CA LEU B 108 28.70 -10.35 0.61
C LEU B 108 29.42 -10.86 -0.63
N ASP B 109 28.63 -11.26 -1.63
CA ASP B 109 29.17 -11.91 -2.82
C ASP B 109 29.63 -10.93 -3.88
N ILE B 110 29.38 -9.64 -3.71
CA ILE B 110 29.91 -8.61 -4.60
C ILE B 110 31.10 -7.95 -3.92
N ALA B 111 32.16 -7.69 -4.69
CA ALA B 111 33.37 -7.15 -4.11
C ALA B 111 33.13 -5.75 -3.57
N PHE B 112 33.92 -5.41 -2.54
CA PHE B 112 33.92 -4.08 -1.92
C PHE B 112 32.60 -3.73 -1.25
N GLY B 113 31.78 -4.73 -0.93
CA GLY B 113 30.53 -4.53 -0.23
C GLY B 113 30.68 -4.75 1.26
N THR B 114 29.83 -4.06 2.03
CA THR B 114 29.86 -4.17 3.48
C THR B 114 28.45 -4.29 4.01
N HIS B 115 28.33 -4.69 5.28
CA HIS B 115 27.05 -4.76 5.96
C HIS B 115 26.92 -3.54 6.86
N HIS B 116 26.28 -2.49 6.33
CA HIS B 116 26.16 -1.21 7.02
C HIS B 116 24.85 -1.05 7.79
N THR B 117 23.85 -1.89 7.54
CA THR B 117 22.56 -1.81 8.20
C THR B 117 22.69 -1.83 9.72
N LYS B 118 22.02 -0.89 10.37
CA LYS B 118 22.01 -0.75 11.82
C LYS B 118 20.58 -0.85 12.31
N MET B 119 20.25 -1.98 12.93
CA MET B 119 18.89 -2.29 13.31
C MET B 119 18.89 -3.17 14.53
N MET B 120 17.92 -2.93 15.41
CA MET B 120 17.62 -3.83 16.51
C MET B 120 16.24 -4.43 16.29
N LEU B 121 16.12 -5.74 16.44
CA LEU B 121 14.82 -6.39 16.60
C LEU B 121 14.71 -6.83 18.05
N LEU B 122 13.67 -6.37 18.73
CA LEU B 122 13.51 -6.58 20.17
C LEU B 122 12.21 -7.30 20.44
N LEU B 123 12.29 -8.56 20.82
CA LEU B 123 11.11 -9.37 21.12
C LEU B 123 10.85 -9.33 22.61
N TYR B 124 9.64 -8.92 22.98
CA TYR B 124 9.19 -8.83 24.37
C TYR B 124 8.06 -9.82 24.63
N GLU B 125 7.75 -9.97 25.93
CA GLU B 125 6.54 -10.66 26.34
C GLU B 125 5.31 -9.92 25.86
N GLU B 126 5.39 -8.60 25.78
CA GLU B 126 4.26 -7.76 25.40
C GLU B 126 4.16 -7.52 23.89
N GLY B 127 5.18 -7.87 23.12
CA GLY B 127 5.13 -7.54 21.69
C GLY B 127 6.52 -7.53 21.07
N LEU B 128 6.65 -6.75 20.00
CA LEU B 128 7.85 -6.66 19.19
C LEU B 128 8.14 -5.19 18.93
N ARG B 129 9.42 -4.82 18.92
CA ARG B 129 9.86 -3.48 18.56
C ARG B 129 10.98 -3.57 17.55
N VAL B 130 11.00 -2.62 16.61
CA VAL B 130 12.04 -2.50 15.60
C VAL B 130 12.68 -1.14 15.80
N VAL B 131 14.01 -1.11 15.86
CA VAL B 131 14.80 0.11 15.99
C VAL B 131 15.72 0.19 14.78
N ILE B 132 15.62 1.28 14.02
CA ILE B 132 16.50 1.49 12.88
C ILE B 132 17.29 2.77 13.16
N HIS B 133 18.62 2.67 13.08
CA HIS B 133 19.42 3.74 13.63
C HIS B 133 20.74 3.83 12.87
N THR B 134 21.67 4.64 13.36
CA THR B 134 22.86 4.94 12.58
C THR B 134 24.16 4.64 13.32
N SER B 135 24.11 4.11 14.53
CA SER B 135 25.30 3.96 15.38
C SER B 135 25.89 2.55 15.36
N ASN B 136 27.22 2.50 15.36
CA ASN B 136 27.90 1.24 15.63
C ASN B 136 27.75 0.87 17.11
N LEU B 137 27.92 -0.42 17.41
CA LEU B 137 27.71 -0.90 18.78
C LEU B 137 29.05 -0.86 19.52
N ILE B 138 29.57 0.37 19.64
CA ILE B 138 30.82 0.65 20.33
C ILE B 138 30.65 1.93 21.12
N HIS B 139 31.40 2.06 22.22
CA HIS B 139 31.21 3.21 23.10
C HIS B 139 31.28 4.53 22.35
N ALA B 140 32.25 4.67 21.44
CA ALA B 140 32.53 5.96 20.82
C ALA B 140 31.36 6.46 19.98
N ASP B 141 30.59 5.54 19.41
CA ASP B 141 29.51 6.00 18.53
C ASP B 141 28.32 6.56 19.29
N TRP B 142 28.24 6.32 20.59
CA TRP B 142 27.14 6.82 21.41
C TRP B 142 27.59 7.90 22.39
N HIS B 143 28.82 8.39 22.26
CA HIS B 143 29.40 9.30 23.25
C HIS B 143 29.23 10.76 22.84
N GLN B 144 29.91 11.20 21.79
CA GLN B 144 29.87 12.61 21.42
C GLN B 144 29.58 12.81 19.95
N LYS B 145 28.80 11.91 19.34
CA LYS B 145 28.45 12.05 17.93
C LYS B 145 26.97 12.39 17.79
N THR B 146 26.63 13.00 16.65
CA THR B 146 25.24 13.14 16.24
C THR B 146 24.82 11.89 15.49
N GLN B 147 23.88 11.16 16.07
CA GLN B 147 23.36 9.91 15.52
C GLN B 147 21.84 9.97 15.56
N GLY B 148 21.21 9.20 14.68
CA GLY B 148 19.77 9.22 14.55
C GLY B 148 19.17 7.86 14.84
N ILE B 149 17.94 7.85 15.38
CA ILE B 149 17.22 6.65 15.80
C ILE B 149 15.75 6.79 15.43
N TRP B 150 15.19 5.75 14.81
CA TRP B 150 13.74 5.61 14.67
C TRP B 150 13.27 4.46 15.56
N LEU B 151 12.31 4.74 16.42
CA LEU B 151 11.69 3.75 17.29
C LEU B 151 10.31 3.39 16.76
N SER B 152 10.12 2.10 16.46
CA SER B 152 8.79 1.63 16.09
C SER B 152 7.85 1.66 17.29
N PRO B 153 6.53 1.66 17.05
CA PRO B 153 5.61 1.38 18.14
C PRO B 153 5.85 -0.02 18.69
N LEU B 154 5.27 -0.27 19.87
CA LEU B 154 5.17 -1.65 20.36
C LEU B 154 4.12 -2.37 19.52
N TYR B 155 4.56 -3.39 18.80
CA TYR B 155 3.67 -4.15 17.94
C TYR B 155 3.09 -5.31 18.72
N PRO B 156 1.77 -5.42 18.86
CA PRO B 156 1.20 -6.55 19.59
C PRO B 156 1.22 -7.84 18.78
N ARG B 157 1.09 -8.95 19.49
CA ARG B 157 0.99 -10.24 18.82
C ARG B 157 -0.41 -10.39 18.23
N ILE B 158 -0.50 -11.01 17.06
CA ILE B 158 -1.79 -11.40 16.53
C ILE B 158 -2.22 -12.67 17.27
N ALA B 159 -3.48 -12.70 17.70
CA ALA B 159 -4.00 -13.84 18.44
C ALA B 159 -3.86 -15.12 17.62
N ASP B 160 -3.39 -16.19 18.26
CA ASP B 160 -3.33 -17.48 17.58
C ASP B 160 -4.74 -17.94 17.22
N GLY B 161 -4.91 -18.39 15.98
CA GLY B 161 -6.22 -18.67 15.43
C GLY B 161 -6.83 -17.53 14.65
N THR B 162 -6.35 -16.31 14.85
CA THR B 162 -6.82 -15.14 14.11
C THR B 162 -6.01 -14.97 12.84
N HIS B 163 -6.71 -14.69 11.74
CA HIS B 163 -6.09 -14.51 10.44
C HIS B 163 -6.24 -13.04 10.03
N LYS B 164 -5.19 -12.25 10.23
CA LYS B 164 -5.14 -10.89 9.71
C LYS B 164 -3.74 -10.63 9.17
N SER B 165 -3.62 -9.60 8.33
CA SER B 165 -2.32 -9.34 7.72
C SER B 165 -1.35 -8.69 8.71
N GLY B 166 -1.85 -7.86 9.61
CA GLY B 166 -0.98 -7.05 10.43
C GLY B 166 -0.19 -6.03 9.65
N GLU B 167 -0.64 -5.68 8.45
CA GLU B 167 0.12 -4.83 7.55
C GLU B 167 -0.28 -3.35 7.71
N SER B 168 0.70 -2.45 7.49
N SER B 168 0.70 -2.47 7.48
CA SER B 168 0.48 -1.02 7.57
CA SER B 168 0.51 -1.02 7.57
C SER B 168 0.18 -0.45 6.20
C SER B 168 0.21 -0.43 6.19
N PRO B 169 -0.39 0.76 6.14
CA PRO B 169 -0.57 1.42 4.84
C PRO B 169 0.74 1.69 4.12
N THR B 170 1.88 1.69 4.81
CA THR B 170 3.17 1.87 4.14
C THR B 170 3.84 0.56 3.73
N HIS B 171 3.17 -0.58 3.95
CA HIS B 171 3.66 -1.91 3.57
C HIS B 171 4.92 -2.30 4.33
N PHE B 172 5.10 -1.73 5.52
CA PHE B 172 6.34 -1.91 6.27
C PHE B 172 6.58 -3.37 6.66
N LYS B 173 5.52 -4.10 7.04
CA LYS B 173 5.70 -5.48 7.46
C LYS B 173 6.25 -6.33 6.32
N ALA B 174 5.59 -6.30 5.16
CA ALA B 174 6.09 -7.06 4.02
C ALA B 174 7.48 -6.59 3.59
N ASP B 175 7.73 -5.28 3.65
CA ASP B 175 9.01 -4.78 3.15
C ASP B 175 10.16 -5.17 4.10
N LEU B 176 9.90 -5.20 5.40
CA LEU B 176 10.92 -5.67 6.35
C LEU B 176 11.18 -7.16 6.17
N ILE B 177 10.11 -7.95 5.99
CA ILE B 177 10.30 -9.39 5.74
C ILE B 177 11.08 -9.60 4.45
N SER B 178 10.75 -8.84 3.41
N SER B 178 10.74 -8.84 3.41
CA SER B 178 11.51 -8.95 2.15
CA SER B 178 11.48 -8.92 2.15
C SER B 178 12.96 -8.58 2.35
C SER B 178 12.95 -8.59 2.35
N TYR B 179 13.24 -7.57 3.16
CA TYR B 179 14.62 -7.19 3.44
C TYR B 179 15.36 -8.34 4.11
N LEU B 180 14.76 -8.94 5.14
CA LEU B 180 15.40 -10.05 5.83
C LEU B 180 15.49 -11.30 4.97
N MET B 181 14.54 -11.50 4.06
N MET B 181 14.54 -11.50 4.06
CA MET B 181 14.59 -12.68 3.20
CA MET B 181 14.57 -12.67 3.20
C MET B 181 15.81 -12.66 2.30
C MET B 181 15.80 -12.66 2.29
N ALA B 182 16.26 -11.47 1.90
CA ALA B 182 17.41 -11.36 1.02
C ALA B 182 18.70 -11.87 1.65
N TYR B 183 18.74 -12.02 2.98
CA TYR B 183 19.94 -12.58 3.60
C TYR B 183 20.06 -14.08 3.35
N ASN B 184 18.94 -14.76 3.16
CA ASN B 184 18.95 -16.22 2.95
C ASN B 184 19.65 -16.92 4.10
N ALA B 185 19.31 -16.53 5.31
CA ALA B 185 20.01 -16.97 6.51
C ALA B 185 19.05 -17.70 7.44
N PRO B 186 19.40 -18.91 7.90
CA PRO B 186 18.47 -19.63 8.79
C PRO B 186 18.15 -18.89 10.07
N SER B 187 19.10 -18.15 10.65
CA SER B 187 18.81 -17.48 11.91
C SER B 187 17.84 -16.33 11.72
N LEU B 188 17.80 -15.76 10.52
CA LEU B 188 16.86 -14.67 10.22
C LEU B 188 15.49 -15.18 9.81
N LYS B 189 15.42 -16.39 9.22
CA LYS B 189 14.11 -16.98 8.98
C LYS B 189 13.33 -17.12 10.28
N GLU B 190 14.03 -17.36 11.39
CA GLU B 190 13.35 -17.40 12.69
C GLU B 190 12.76 -16.04 13.04
N TRP B 191 13.47 -14.95 12.72
CA TRP B 191 12.93 -13.63 13.03
C TRP B 191 11.81 -13.23 12.07
N ILE B 192 11.88 -13.70 10.82
CA ILE B 192 10.77 -13.51 9.88
C ILE B 192 9.49 -14.12 10.44
N ASP B 193 9.58 -15.33 10.98
CA ASP B 193 8.41 -15.97 11.58
C ASP B 193 7.88 -15.18 12.77
N VAL B 194 8.78 -14.57 13.55
CA VAL B 194 8.35 -13.71 14.65
C VAL B 194 7.57 -12.52 14.10
N ILE B 195 8.13 -11.85 13.08
CA ILE B 195 7.46 -10.68 12.54
C ILE B 195 6.09 -11.07 11.98
N HIS B 196 6.01 -12.20 11.29
CA HIS B 196 4.74 -12.67 10.75
C HIS B 196 3.65 -12.72 11.82
N LYS B 197 4.02 -13.05 13.06
CA LYS B 197 3.05 -13.23 14.13
C LYS B 197 2.65 -11.93 14.82
N HIS B 198 3.20 -10.78 14.43
CA HIS B 198 2.87 -9.52 15.07
C HIS B 198 2.14 -8.58 14.12
N ASP B 199 1.44 -7.62 14.73
CA ASP B 199 0.61 -6.62 14.06
C ASP B 199 1.41 -5.32 13.95
N LEU B 200 1.92 -5.03 12.73
CA LEU B 200 2.72 -3.85 12.46
C LEU B 200 1.90 -2.74 11.80
N SER B 201 0.57 -2.81 11.89
CA SER B 201 -0.28 -1.93 11.09
C SER B 201 -0.18 -0.46 11.51
N GLU B 202 0.32 -0.16 12.71
CA GLU B 202 0.44 1.24 13.10
C GLU B 202 1.65 1.94 12.50
N THR B 203 2.48 1.25 11.71
CA THR B 203 3.71 1.85 11.22
C THR B 203 3.42 2.90 10.15
N ASN B 204 3.98 4.09 10.32
CA ASN B 204 3.71 5.21 9.42
C ASN B 204 4.93 5.62 8.60
N VAL B 205 6.01 4.83 8.62
CA VAL B 205 7.19 5.10 7.80
C VAL B 205 7.30 4.04 6.72
N TYR B 206 8.01 4.39 5.64
CA TYR B 206 8.38 3.47 4.57
C TYR B 206 9.81 2.98 4.77
N LEU B 207 10.01 1.68 4.57
CA LEU B 207 11.34 1.11 4.67
C LEU B 207 12.10 1.31 3.36
N ILE B 208 13.34 1.76 3.43
CA ILE B 208 14.17 1.88 2.24
C ILE B 208 15.44 1.10 2.50
N GLY B 209 15.56 -0.07 1.88
CA GLY B 209 16.74 -0.87 2.09
C GLY B 209 17.60 -1.00 0.86
N SER B 210 18.86 -1.37 1.07
CA SER B 210 19.75 -1.83 0.02
C SER B 210 20.22 -3.22 0.41
N THR B 211 20.41 -4.08 -0.60
N THR B 211 20.36 -4.09 -0.59
CA THR B 211 20.94 -5.42 -0.42
CA THR B 211 20.94 -5.43 -0.41
C THR B 211 21.83 -5.71 -1.62
C THR B 211 21.86 -5.69 -1.60
N PRO B 212 22.89 -6.52 -1.44
CA PRO B 212 23.83 -6.71 -2.54
C PRO B 212 23.21 -7.50 -3.68
N GLY B 213 23.49 -7.07 -4.90
CA GLY B 213 23.08 -7.86 -6.04
C GLY B 213 22.99 -7.02 -7.30
N ARG B 214 22.50 -7.68 -8.35
N ARG B 214 22.46 -7.67 -8.34
CA ARG B 214 22.24 -7.05 -9.64
CA ARG B 214 22.24 -7.04 -9.65
C ARG B 214 20.77 -7.27 -9.96
C ARG B 214 20.78 -7.26 -10.00
N PHE B 215 20.01 -6.17 -10.04
CA PHE B 215 18.55 -6.24 -10.08
C PHE B 215 18.02 -5.73 -11.42
N GLN B 216 17.11 -6.51 -12.01
CA GLN B 216 16.49 -6.22 -13.30
C GLN B 216 14.98 -6.20 -13.17
N GLY B 217 14.34 -5.46 -14.06
CA GLY B 217 12.90 -5.58 -14.27
C GLY B 217 12.09 -5.32 -13.03
N SER B 218 11.31 -6.32 -12.61
CA SER B 218 10.41 -6.18 -11.49
C SER B 218 11.13 -6.04 -10.15
N GLN B 219 12.44 -6.31 -10.09
CA GLN B 219 13.19 -6.24 -8.85
C GLN B 219 14.01 -4.97 -8.69
N LYS B 220 14.22 -4.21 -9.76
CA LYS B 220 15.10 -3.05 -9.63
C LYS B 220 14.48 -1.95 -8.79
N ASP B 221 13.16 -1.89 -8.68
CA ASP B 221 12.49 -0.91 -7.82
C ASP B 221 12.53 -1.30 -6.34
N ASN B 222 13.13 -2.44 -6.00
CA ASN B 222 13.05 -2.92 -4.62
C ASN B 222 14.04 -2.25 -3.69
N TRP B 223 15.14 -1.74 -4.20
CA TRP B 223 16.29 -1.39 -3.37
C TRP B 223 16.91 -0.06 -3.80
N GLY B 224 17.68 0.53 -2.89
CA GLY B 224 18.53 1.64 -3.26
C GLY B 224 17.76 2.84 -3.74
N HIS B 225 18.38 3.60 -4.65
CA HIS B 225 17.78 4.87 -5.03
C HIS B 225 16.59 4.69 -5.95
N PHE B 226 16.47 3.52 -6.59
CA PHE B 226 15.23 3.23 -7.34
C PHE B 226 14.06 2.95 -6.40
N ARG B 227 14.32 2.35 -5.24
CA ARG B 227 13.28 2.20 -4.23
C ARG B 227 12.76 3.56 -3.77
N LEU B 228 13.69 4.48 -3.49
CA LEU B 228 13.27 5.84 -3.12
C LEU B 228 12.45 6.48 -4.24
N LYS B 229 12.93 6.39 -5.47
CA LYS B 229 12.22 6.98 -6.60
C LYS B 229 10.81 6.43 -6.71
N LYS B 230 10.64 5.12 -6.54
CA LYS B 230 9.33 4.50 -6.64
C LYS B 230 8.39 5.02 -5.56
N LEU B 231 8.88 5.17 -4.32
CA LEU B 231 8.04 5.67 -3.24
C LEU B 231 7.65 7.12 -3.46
N LEU B 232 8.59 7.94 -3.94
CA LEU B 232 8.31 9.34 -4.20
C LEU B 232 7.30 9.50 -5.33
N LYS B 233 7.39 8.66 -6.35
CA LYS B 233 6.44 8.72 -7.45
C LYS B 233 5.04 8.30 -6.99
N ASP B 234 4.96 7.26 -6.17
CA ASP B 234 3.65 6.71 -5.79
C ASP B 234 3.00 7.42 -4.62
N HIS B 235 3.77 8.08 -3.74
CA HIS B 235 3.22 8.55 -2.48
C HIS B 235 3.56 9.99 -2.14
N ALA B 236 4.19 10.72 -3.04
CA ALA B 236 4.37 12.14 -2.87
C ALA B 236 3.71 12.86 -4.04
N SER B 237 3.40 14.14 -3.81
CA SER B 237 2.75 14.95 -4.84
C SER B 237 3.70 16.05 -5.29
N SER B 238 3.66 16.37 -6.57
CA SER B 238 4.45 17.48 -7.08
C SER B 238 3.70 18.79 -6.86
N MET B 239 4.42 19.79 -6.39
CA MET B 239 3.87 21.10 -6.11
C MET B 239 4.27 22.09 -7.20
N PRO B 240 3.64 23.26 -7.27
CA PRO B 240 4.11 24.27 -8.22
C PRO B 240 5.51 24.72 -7.83
N ASN B 241 6.30 25.05 -8.85
CA ASN B 241 7.66 25.53 -8.64
C ASN B 241 8.52 24.49 -7.92
N ALA B 242 8.25 23.21 -8.19
CA ALA B 242 9.03 22.14 -7.56
C ALA B 242 10.50 22.23 -7.94
N GLU B 243 10.82 22.85 -9.08
CA GLU B 243 12.21 23.04 -9.48
C GLU B 243 12.99 23.88 -8.47
N SER B 244 12.31 24.64 -7.63
CA SER B 244 12.95 25.50 -6.66
C SER B 244 13.15 24.84 -5.30
N TRP B 245 12.55 23.67 -5.08
CA TRP B 245 12.72 22.91 -3.84
C TRP B 245 14.05 22.18 -3.89
N PRO B 246 15.02 22.57 -3.06
CA PRO B 246 16.33 21.90 -3.08
C PRO B 246 16.25 20.45 -2.61
N VAL B 247 17.32 19.71 -2.91
CA VAL B 247 17.58 18.40 -2.32
C VAL B 247 18.78 18.58 -1.41
N VAL B 248 18.70 18.03 -0.20
CA VAL B 248 19.79 18.11 0.76
C VAL B 248 20.21 16.68 1.10
N GLY B 249 21.50 16.42 1.06
CA GLY B 249 22.04 15.14 1.49
C GLY B 249 23.12 15.42 2.50
N GLN B 250 23.16 14.60 3.55
CA GLN B 250 24.03 14.84 4.70
C GLN B 250 24.59 13.50 5.14
N PHE B 251 25.91 13.36 5.19
CA PHE B 251 26.50 12.03 5.23
C PHE B 251 27.82 12.08 5.98
N SER B 252 28.38 10.91 6.25
CA SER B 252 29.63 10.83 6.99
C SER B 252 30.78 10.29 6.16
N SER B 253 30.52 9.87 4.91
N SER B 253 30.53 9.91 4.91
CA SER B 253 31.55 9.37 4.01
CA SER B 253 31.61 9.51 4.01
C SER B 253 31.09 9.62 2.58
C SER B 253 31.11 9.56 2.59
N VAL B 254 32.06 9.61 1.66
CA VAL B 254 31.77 9.69 0.24
C VAL B 254 32.58 8.61 -0.48
N GLY B 255 31.95 7.95 -1.46
CA GLY B 255 32.68 7.06 -2.33
C GLY B 255 33.12 7.76 -3.59
N SER B 256 33.72 6.97 -4.49
N SER B 256 33.71 6.96 -4.49
CA SER B 256 34.11 7.50 -5.80
CA SER B 256 34.10 7.49 -5.80
C SER B 256 32.87 7.66 -6.66
C SER B 256 32.87 7.64 -6.68
N LEU B 257 32.56 8.90 -7.03
CA LEU B 257 31.36 9.19 -7.79
C LEU B 257 31.61 9.33 -9.29
N GLY B 258 32.86 9.43 -9.72
CA GLY B 258 33.20 9.57 -11.12
C GLY B 258 33.95 10.87 -11.40
N ALA B 259 34.28 11.05 -12.68
CA ALA B 259 35.14 12.15 -13.08
C ALA B 259 34.42 13.50 -13.15
N ASP B 260 33.09 13.49 -13.18
CA ASP B 260 32.30 14.71 -13.10
C ASP B 260 30.90 14.34 -12.64
N GLU B 261 30.06 15.35 -12.41
CA GLU B 261 28.77 15.12 -11.79
C GLU B 261 27.82 14.32 -12.68
N SER B 262 28.02 14.33 -13.99
CA SER B 262 27.08 13.67 -14.90
C SER B 262 27.24 12.16 -14.92
N LYS B 263 28.27 11.61 -14.26
CA LYS B 263 28.49 10.18 -14.32
C LYS B 263 27.55 9.40 -13.41
N TRP B 264 27.06 10.02 -12.34
CA TRP B 264 26.18 9.32 -11.40
C TRP B 264 25.47 10.30 -10.46
N LEU B 265 26.20 11.25 -9.90
CA LEU B 265 25.62 12.11 -8.87
C LEU B 265 24.41 12.87 -9.40
N CYS B 266 24.61 13.65 -10.46
CA CYS B 266 23.53 14.48 -11.00
C CYS B 266 22.73 13.77 -12.07
N SER B 267 23.26 12.72 -12.68
CA SER B 267 22.48 11.96 -13.64
C SER B 267 21.43 11.13 -12.91
N GLU B 268 21.84 10.03 -12.28
CA GLU B 268 20.83 9.10 -11.76
C GLU B 268 20.54 9.25 -10.27
N PHE B 269 21.51 9.63 -9.43
CA PHE B 269 21.21 9.78 -8.00
C PHE B 269 20.27 10.96 -7.77
N LYS B 270 20.65 12.15 -8.22
CA LYS B 270 19.82 13.33 -8.02
C LYS B 270 18.47 13.18 -8.71
N GLU B 271 18.44 12.52 -9.88
CA GLU B 271 17.20 12.30 -10.58
C GLU B 271 16.19 11.55 -9.72
N SER B 272 16.64 10.47 -9.07
CA SER B 272 15.76 9.74 -8.16
C SER B 272 15.30 10.64 -7.02
N MET B 273 16.21 11.46 -6.48
CA MET B 273 15.84 12.26 -5.33
C MET B 273 14.93 13.42 -5.66
N LEU B 274 14.91 13.88 -6.92
N LEU B 274 14.90 13.90 -6.90
CA LEU B 274 14.03 14.96 -7.34
CA LEU B 274 14.00 15.00 -7.24
C LEU B 274 12.61 14.51 -7.54
C LEU B 274 12.66 14.51 -7.76
N THR B 275 12.40 13.21 -7.72
CA THR B 275 11.10 12.69 -8.13
C THR B 275 10.00 13.11 -7.15
N LEU B 276 8.86 13.54 -7.71
CA LEU B 276 7.67 13.85 -6.93
C LEU B 276 6.45 13.56 -7.79
N GLY B 277 5.64 12.59 -7.40
CA GLY B 277 4.43 12.32 -8.16
C GLY B 277 4.69 11.51 -9.41
N LYS B 278 3.63 11.34 -10.19
CA LYS B 278 3.62 10.38 -11.29
C LYS B 278 3.77 11.01 -12.66
N GLU B 279 3.86 12.34 -12.75
CA GLU B 279 4.03 12.97 -14.06
C GLU B 279 5.48 12.84 -14.53
N SER B 280 5.68 13.04 -15.83
CA SER B 280 7.00 12.90 -16.44
C SER B 280 7.94 14.00 -16.00
N SER B 286 18.29 19.47 -14.98
CA SER B 286 17.48 20.00 -13.89
C SER B 286 18.21 21.11 -13.15
N SER B 287 17.49 22.20 -12.84
CA SER B 287 18.06 23.33 -12.14
C SER B 287 17.79 23.27 -10.64
N VAL B 288 17.48 22.10 -10.11
CA VAL B 288 17.21 21.97 -8.67
C VAL B 288 18.54 22.07 -7.92
N PRO B 289 18.64 22.93 -6.90
CA PRO B 289 19.88 23.01 -6.14
C PRO B 289 20.09 21.76 -5.29
N LEU B 290 21.34 21.30 -5.25
CA LEU B 290 21.72 20.12 -4.47
C LEU B 290 22.74 20.58 -3.42
N TYR B 291 22.36 20.52 -2.15
CA TYR B 291 23.22 20.89 -1.02
C TYR B 291 23.74 19.60 -0.39
N LEU B 292 25.06 19.47 -0.27
CA LEU B 292 25.65 18.32 0.40
C LEU B 292 26.29 18.82 1.68
N ILE B 293 25.97 18.19 2.81
CA ILE B 293 26.49 18.60 4.11
C ILE B 293 27.50 17.57 4.58
N TYR B 294 28.73 18.00 4.79
CA TYR B 294 29.82 17.12 5.17
C TYR B 294 30.85 17.94 5.94
N PRO B 295 31.32 17.45 7.09
CA PRO B 295 32.20 18.27 7.94
C PRO B 295 33.47 18.72 7.24
N SER B 296 33.77 20.01 7.38
CA SER B 296 35.07 20.55 6.99
C SER B 296 36.13 20.13 7.99
N VAL B 297 37.39 20.37 7.62
CA VAL B 297 38.49 20.15 8.56
C VAL B 297 38.29 20.97 9.82
N GLU B 298 37.90 22.25 9.66
N GLU B 298 37.88 22.23 9.67
CA GLU B 298 37.66 23.09 10.83
CA GLU B 298 37.67 23.08 10.84
C GLU B 298 36.56 22.52 11.71
C GLU B 298 36.54 22.57 11.72
N ASN B 299 35.46 22.04 11.10
CA ASN B 299 34.39 21.43 11.89
C ASN B 299 34.95 20.32 12.78
N VAL B 300 35.82 19.49 12.22
CA VAL B 300 36.38 18.36 12.95
C VAL B 300 37.37 18.85 14.00
N ARG B 301 38.25 19.77 13.61
CA ARG B 301 39.30 20.26 14.51
C ARG B 301 38.72 20.81 15.80
N THR B 302 37.63 21.56 15.71
CA THR B 302 37.06 22.20 16.88
C THR B 302 35.88 21.43 17.47
N SER B 303 35.73 20.16 17.11
CA SER B 303 34.63 19.36 17.63
C SER B 303 34.90 18.96 19.08
N LEU B 304 33.89 18.33 19.70
CA LEU B 304 34.06 17.84 21.06
C LEU B 304 35.19 16.82 21.16
N GLU B 305 35.34 15.98 20.14
CA GLU B 305 36.37 14.96 20.15
C GLU B 305 37.71 15.48 19.63
N GLY B 306 37.70 16.57 18.87
CA GLY B 306 38.86 16.98 18.13
C GLY B 306 39.05 16.12 16.89
N TYR B 307 40.30 16.08 16.43
CA TYR B 307 40.62 15.31 15.23
C TYR B 307 40.17 13.84 15.30
N PRO B 308 40.17 13.17 16.47
CA PRO B 308 39.74 11.76 16.47
C PRO B 308 38.31 11.55 16.03
N ALA B 309 37.47 12.59 16.03
CA ALA B 309 36.15 12.44 15.40
C ALA B 309 36.29 12.06 13.94
N GLY B 310 37.35 12.52 13.29
CA GLY B 310 37.62 12.21 11.90
C GLY B 310 37.96 10.76 11.63
N GLY B 311 38.21 9.96 12.68
CA GLY B 311 38.36 8.53 12.48
C GLY B 311 37.08 7.84 12.06
N SER B 312 35.95 8.53 12.20
CA SER B 312 34.64 8.02 11.80
C SER B 312 34.08 8.78 10.60
N LEU B 313 34.93 9.51 9.88
CA LEU B 313 34.58 10.22 8.66
C LEU B 313 35.56 9.79 7.56
N PRO B 314 35.39 8.57 7.02
CA PRO B 314 36.45 7.91 6.23
C PRO B 314 36.48 8.31 4.75
N TYR B 315 36.63 9.59 4.48
CA TYR B 315 36.87 10.11 3.14
C TYR B 315 38.36 10.10 2.88
N SER B 316 38.81 9.27 1.95
N SER B 316 38.81 9.27 1.95
CA SER B 316 40.23 9.08 1.66
CA SER B 316 40.23 9.08 1.68
C SER B 316 40.72 10.09 0.63
C SER B 316 40.73 10.07 0.62
N ILE B 317 42.03 10.39 0.71
CA ILE B 317 42.61 11.33 -0.24
C ILE B 317 42.64 10.73 -1.64
N GLN B 318 42.77 9.39 -1.74
CA GLN B 318 42.74 8.72 -3.04
C GLN B 318 41.42 8.97 -3.75
N THR B 319 40.31 8.78 -3.04
CA THR B 319 38.99 9.07 -3.61
C THR B 319 38.83 10.57 -3.89
N ALA B 320 39.17 11.42 -2.90
CA ALA B 320 38.89 12.84 -3.00
C ALA B 320 39.62 13.49 -4.18
N GLU B 321 40.88 13.13 -4.40
CA GLU B 321 41.66 13.83 -5.42
C GLU B 321 41.14 13.55 -6.83
N LYS B 322 40.40 12.46 -7.01
CA LYS B 322 39.81 12.13 -8.29
C LYS B 322 38.49 12.85 -8.56
N GLN B 323 38.00 13.63 -7.62
CA GLN B 323 36.67 14.23 -7.75
C GLN B 323 36.61 15.56 -7.02
N ASN B 324 37.62 16.41 -7.23
CA ASN B 324 37.56 17.74 -6.63
C ASN B 324 36.36 18.55 -7.13
N TRP B 325 35.76 18.17 -8.26
CA TRP B 325 34.53 18.85 -8.70
C TRP B 325 33.44 18.75 -7.64
N LEU B 326 33.43 17.67 -6.85
CA LEU B 326 32.36 17.45 -5.89
C LEU B 326 32.34 18.50 -4.79
N HIS B 327 33.50 19.04 -4.43
CA HIS B 327 33.58 19.83 -3.22
C HIS B 327 32.94 21.21 -3.35
N SER B 328 32.63 21.65 -4.58
CA SER B 328 31.85 22.88 -4.75
C SER B 328 30.43 22.72 -4.21
N TYR B 329 29.98 21.49 -3.98
CA TYR B 329 28.66 21.20 -3.43
C TYR B 329 28.64 21.18 -1.90
N PHE B 330 29.80 21.24 -1.25
CA PHE B 330 29.87 20.90 0.17
C PHE B 330 29.52 22.10 1.04
N HIS B 331 28.75 21.82 2.10
CA HIS B 331 28.32 22.78 3.09
C HIS B 331 28.74 22.29 4.47
N LYS B 332 29.01 23.23 5.37
CA LYS B 332 29.51 22.89 6.70
C LYS B 332 28.47 22.18 7.54
N TRP B 333 28.94 21.43 8.53
CA TRP B 333 28.07 20.90 9.57
C TRP B 333 27.77 22.00 10.59
N SER B 334 26.49 22.27 10.79
CA SER B 334 26.06 23.22 11.82
C SER B 334 24.76 22.69 12.39
N ALA B 335 24.65 22.70 13.72
CA ALA B 335 23.49 22.09 14.37
C ALA B 335 23.14 22.84 15.66
N GLU B 336 23.15 24.18 15.59
CA GLU B 336 22.75 24.97 16.75
C GLU B 336 21.35 24.60 17.22
N THR B 337 20.47 24.22 16.30
CA THR B 337 19.10 23.88 16.65
C THR B 337 19.04 22.76 17.68
N SER B 338 20.01 21.82 17.65
CA SER B 338 20.01 20.72 18.60
C SER B 338 21.24 20.76 19.51
N GLY B 339 21.97 21.87 19.55
CA GLY B 339 23.15 21.97 20.38
C GLY B 339 24.29 21.08 19.96
N ARG B 340 24.34 20.68 18.69
CA ARG B 340 25.25 19.61 18.26
C ARG B 340 26.24 20.06 17.19
N SER B 341 26.54 21.35 17.11
CA SER B 341 27.50 21.80 16.11
C SER B 341 28.88 21.19 16.36
N ASN B 342 29.20 20.85 17.60
CA ASN B 342 30.49 20.26 17.89
C ASN B 342 30.44 18.74 18.04
N ALA B 343 29.27 18.13 17.79
CA ALA B 343 29.11 16.68 17.82
C ALA B 343 29.09 16.19 16.38
N MET B 344 30.21 15.61 15.93
CA MET B 344 30.33 15.33 14.51
C MET B 344 29.28 14.32 14.07
N PRO B 345 28.75 14.46 12.86
CA PRO B 345 27.66 13.57 12.42
C PRO B 345 28.15 12.18 12.02
N HIS B 346 27.46 11.18 12.51
CA HIS B 346 27.50 9.84 11.96
C HIS B 346 26.12 9.44 11.46
N ILE B 347 25.12 10.26 11.77
CA ILE B 347 23.82 10.15 11.11
C ILE B 347 23.98 10.43 9.61
N LYS B 348 23.08 9.84 8.81
CA LYS B 348 22.95 10.19 7.40
C LYS B 348 21.48 10.54 7.15
N THR B 349 21.24 11.66 6.50
CA THR B 349 19.87 12.11 6.22
C THR B 349 19.80 12.70 4.83
N TYR B 350 18.60 12.63 4.25
CA TYR B 350 18.36 13.20 2.94
C TYR B 350 16.95 13.78 3.01
N MET B 351 16.75 14.94 2.38
CA MET B 351 15.44 15.57 2.52
C MET B 351 15.21 16.57 1.40
N ARG B 352 13.97 17.04 1.30
CA ARG B 352 13.54 17.90 0.20
C ARG B 352 12.87 19.14 0.79
N PRO B 353 13.64 20.14 1.15
CA PRO B 353 13.06 21.36 1.74
C PRO B 353 12.46 22.27 0.68
N SER B 354 11.64 23.20 1.16
CA SER B 354 11.07 24.25 0.33
C SER B 354 12.14 25.29 0.05
N PRO B 355 11.90 26.20 -0.90
CA PRO B 355 12.94 27.19 -1.24
C PRO B 355 13.39 28.06 -0.08
N ASP B 356 12.52 28.33 0.91
CA ASP B 356 12.90 29.10 2.07
C ASP B 356 13.17 28.23 3.30
N PHE B 357 13.23 26.90 3.11
CA PHE B 357 13.61 25.93 4.15
C PHE B 357 12.65 25.91 5.34
N SER B 358 11.40 26.37 5.17
CA SER B 358 10.46 26.33 6.28
C SER B 358 9.59 25.08 6.27
N LYS B 359 9.58 24.35 5.15
CA LYS B 359 8.82 23.12 4.99
C LYS B 359 9.72 22.07 4.36
N ILE B 360 9.32 20.80 4.48
CA ILE B 360 10.01 19.72 3.77
C ILE B 360 8.96 18.79 3.16
N ALA B 361 9.24 18.30 1.96
CA ALA B 361 8.34 17.36 1.29
C ALA B 361 8.56 15.92 1.74
N TRP B 362 9.71 15.60 2.32
CA TRP B 362 9.98 14.27 2.86
C TRP B 362 11.31 14.32 3.58
N PHE B 363 11.56 13.28 4.38
CA PHE B 363 12.77 13.18 5.19
C PHE B 363 13.16 11.71 5.29
N LEU B 364 14.44 11.40 5.08
CA LEU B 364 14.96 10.04 5.14
C LEU B 364 16.13 10.00 6.11
N VAL B 365 16.10 9.06 7.05
N VAL B 365 16.06 9.09 7.08
CA VAL B 365 17.26 8.80 7.89
CA VAL B 365 17.19 8.73 7.93
C VAL B 365 17.72 7.38 7.63
C VAL B 365 17.71 7.39 7.42
N THR B 366 19.02 7.21 7.39
CA THR B 366 19.52 5.95 6.85
C THR B 366 20.96 5.73 7.28
N SER B 367 21.42 4.51 7.04
CA SER B 367 22.84 4.20 7.15
C SER B 367 23.61 4.52 5.88
N ALA B 368 22.92 4.85 4.78
CA ALA B 368 23.56 4.96 3.47
C ALA B 368 24.29 6.28 3.31
N ASN B 369 25.61 6.19 3.09
CA ASN B 369 26.43 7.32 2.73
C ASN B 369 26.27 7.64 1.24
N LEU B 370 26.98 8.68 0.80
CA LEU B 370 26.90 9.13 -0.59
C LEU B 370 27.86 8.29 -1.41
N SER B 371 27.39 7.11 -1.82
CA SER B 371 28.22 6.17 -2.55
C SER B 371 27.36 5.33 -3.46
N LYS B 372 27.92 4.94 -4.61
CA LYS B 372 27.26 3.97 -5.49
C LYS B 372 27.07 2.62 -4.80
N ALA B 373 28.01 2.22 -3.94
CA ALA B 373 27.90 0.92 -3.29
C ALA B 373 26.65 0.84 -2.43
N ALA B 374 26.26 1.96 -1.82
CA ALA B 374 25.11 1.97 -0.91
C ALA B 374 23.81 2.17 -1.66
N TRP B 375 23.80 3.08 -2.63
CA TRP B 375 22.58 3.49 -3.29
C TRP B 375 22.32 2.77 -4.61
N GLY B 376 23.34 2.17 -5.20
CA GLY B 376 23.22 1.46 -6.46
C GLY B 376 23.73 2.26 -7.63
N ALA B 377 24.21 1.54 -8.65
CA ALA B 377 24.66 2.13 -9.90
C ALA B 377 24.12 1.32 -11.07
N LEU B 378 23.64 2.02 -12.10
CA LEU B 378 23.06 1.35 -13.25
C LEU B 378 24.15 0.68 -14.08
N GLU B 379 23.81 -0.47 -14.66
CA GLU B 379 24.73 -1.23 -15.50
C GLU B 379 23.99 -1.80 -16.70
N LYS B 380 24.77 -2.20 -17.71
CA LYS B 380 24.28 -2.86 -18.91
C LYS B 380 23.21 -2.01 -19.63
N ASN B 381 23.61 -0.77 -19.96
CA ASN B 381 22.73 0.17 -20.66
C ASN B 381 21.44 0.42 -19.88
N GLY B 382 21.58 0.57 -18.55
CA GLY B 382 20.45 0.92 -17.72
C GLY B 382 19.49 -0.20 -17.42
N THR B 383 19.82 -1.45 -17.75
CA THR B 383 18.90 -2.54 -17.46
C THR B 383 19.07 -3.07 -16.04
N GLN B 384 20.24 -2.87 -15.42
CA GLN B 384 20.56 -3.51 -14.16
C GLN B 384 21.01 -2.48 -13.13
N LEU B 385 20.50 -2.63 -11.91
CA LEU B 385 20.94 -1.86 -10.76
C LEU B 385 21.84 -2.73 -9.92
N MET B 386 23.11 -2.35 -9.79
CA MET B 386 24.07 -3.09 -9.00
C MET B 386 24.27 -2.38 -7.65
N ILE B 387 24.07 -3.13 -6.58
CA ILE B 387 24.28 -2.67 -5.21
C ILE B 387 25.30 -3.58 -4.55
N ARG B 388 26.24 -3.00 -3.81
CA ARG B 388 27.27 -3.81 -3.17
C ARG B 388 27.00 -4.11 -1.71
N SER B 389 26.26 -3.25 -1.01
CA SER B 389 26.21 -3.30 0.44
C SER B 389 24.78 -3.48 0.94
N TYR B 390 24.68 -3.89 2.21
CA TYR B 390 23.42 -3.80 2.96
C TYR B 390 23.31 -2.41 3.57
N GLU B 391 22.16 -1.75 3.36
CA GLU B 391 21.87 -0.48 4.00
C GLU B 391 20.40 -0.46 4.42
N LEU B 392 20.04 0.42 5.34
CA LEU B 392 18.64 0.47 5.76
C LEU B 392 18.31 1.84 6.32
N GLY B 393 17.15 2.38 5.92
CA GLY B 393 16.68 3.62 6.48
C GLY B 393 15.17 3.67 6.46
N VAL B 394 14.61 4.74 7.02
CA VAL B 394 13.16 4.92 7.03
C VAL B 394 12.82 6.27 6.46
N LEU B 395 11.75 6.31 5.67
CA LEU B 395 11.32 7.49 4.95
C LEU B 395 10.02 8.02 5.56
N PHE B 396 10.04 9.32 5.90
CA PHE B 396 8.88 10.05 6.41
C PHE B 396 8.25 10.83 5.25
N LEU B 397 7.02 10.45 4.86
CA LEU B 397 6.30 11.16 3.81
C LEU B 397 5.06 11.82 4.40
N PRO B 398 4.80 13.09 4.07
CA PRO B 398 3.63 13.76 4.65
C PRO B 398 2.32 13.00 4.44
N SER B 399 2.13 12.38 3.28
CA SER B 399 0.88 11.68 3.01
C SER B 399 0.62 10.55 4.01
N ALA B 400 1.67 9.92 4.53
CA ALA B 400 1.48 8.88 5.54
C ALA B 400 1.01 9.44 6.87
N PHE B 401 1.06 10.75 7.05
CA PHE B 401 0.60 11.42 8.26
C PHE B 401 -0.60 12.30 7.99
N GLY B 402 -1.24 12.16 6.83
CA GLY B 402 -2.38 12.99 6.49
C GLY B 402 -2.04 14.43 6.17
N LEU B 403 -0.80 14.72 5.79
CA LEU B 403 -0.35 16.07 5.53
C LEU B 403 0.10 16.24 4.09
N ASP B 404 0.18 17.51 3.67
CA ASP B 404 0.73 17.86 2.38
C ASP B 404 2.24 18.09 2.44
N SER B 405 2.71 18.62 3.57
CA SER B 405 4.13 18.79 3.82
C SER B 405 4.36 18.82 5.32
N PHE B 406 5.63 18.79 5.71
CA PHE B 406 6.00 18.93 7.11
C PHE B 406 6.51 20.34 7.36
N LYS B 407 6.06 20.96 8.45
CA LYS B 407 6.72 22.17 8.94
C LYS B 407 8.01 21.79 9.66
N VAL B 408 9.05 22.58 9.45
CA VAL B 408 10.34 22.32 10.10
C VAL B 408 10.29 22.86 11.52
N LYS B 409 10.62 22.01 12.49
CA LYS B 409 10.66 22.43 13.88
C LYS B 409 11.79 23.44 14.08
N GLN B 410 11.46 24.61 14.62
CA GLN B 410 12.45 25.68 14.63
C GLN B 410 13.54 25.47 15.68
N LYS B 411 13.21 24.82 16.79
CA LYS B 411 14.20 24.36 17.76
C LYS B 411 13.96 22.88 18.03
N PHE B 412 15.00 22.06 17.84
CA PHE B 412 14.83 20.60 17.79
C PHE B 412 14.19 20.04 19.05
N PHE B 413 14.55 20.58 20.21
CA PHE B 413 14.06 20.08 21.49
C PHE B 413 12.96 20.94 22.10
N ALA B 414 12.42 21.89 21.35
CA ALA B 414 11.39 22.80 21.86
C ALA B 414 10.02 22.14 21.78
N GLY B 415 8.98 22.90 22.09
CA GLY B 415 7.62 22.38 22.07
C GLY B 415 6.96 22.46 20.71
N PRO B 419 2.30 22.93 16.86
CA PRO B 419 1.59 21.65 16.75
C PRO B 419 2.54 20.51 16.41
N MET B 420 2.46 19.41 17.17
CA MET B 420 3.43 18.32 17.07
C MET B 420 3.58 17.71 15.68
N ALA B 421 2.87 18.25 14.67
CA ALA B 421 3.06 17.85 13.29
C ALA B 421 4.18 18.64 12.59
N THR B 422 5.19 19.07 13.34
CA THR B 422 6.38 19.69 12.77
C THR B 422 7.56 18.72 12.91
N PHE B 423 8.37 18.64 11.86
CA PHE B 423 9.37 17.58 11.85
C PHE B 423 10.67 18.07 12.46
N PRO B 424 11.28 17.30 13.35
CA PRO B 424 12.52 17.70 14.02
C PRO B 424 13.78 17.45 13.17
N VAL B 425 14.07 18.38 12.28
CA VAL B 425 15.33 18.34 11.52
C VAL B 425 16.49 18.64 12.47
N PRO B 426 17.50 17.76 12.55
CA PRO B 426 18.51 17.91 13.62
C PRO B 426 19.64 18.90 13.35
N TYR B 427 19.77 19.46 12.15
CA TYR B 427 20.82 20.44 11.85
C TYR B 427 20.19 21.69 11.29
N ASP B 428 21.03 22.72 11.10
CA ASP B 428 20.55 24.06 10.78
C ASP B 428 20.23 24.22 9.30
N LEU B 429 19.18 25.00 9.02
CA LEU B 429 18.81 25.36 7.67
C LEU B 429 18.74 26.88 7.54
N PRO B 430 19.17 27.45 6.40
CA PRO B 430 19.77 26.75 5.26
C PRO B 430 21.19 26.30 5.60
N PRO B 431 21.68 25.28 4.91
CA PRO B 431 23.09 24.90 5.09
C PRO B 431 24.03 25.99 4.60
N GLU B 432 25.18 26.10 5.27
CA GLU B 432 26.15 27.15 4.97
C GLU B 432 27.28 26.59 4.11
N LEU B 433 27.54 27.25 2.98
CA LEU B 433 28.55 26.80 2.05
C LEU B 433 29.94 26.90 2.68
N TYR B 434 30.81 25.97 2.32
CA TYR B 434 32.21 26.06 2.71
C TYR B 434 32.77 27.41 2.31
N GLY B 435 33.62 27.99 3.16
CA GLY B 435 34.38 29.16 2.80
C GLY B 435 35.56 28.84 1.89
N SER B 436 36.19 29.90 1.37
CA SER B 436 37.27 29.71 0.40
C SER B 436 38.45 28.94 0.99
N LYS B 437 38.68 29.07 2.30
CA LYS B 437 39.78 28.37 2.95
C LYS B 437 39.37 27.00 3.48
N ASP B 438 38.08 26.67 3.47
CA ASP B 438 37.64 25.38 4.01
C ASP B 438 37.97 24.25 3.04
N ARG B 439 38.21 23.07 3.61
CA ARG B 439 38.44 21.85 2.86
C ARG B 439 37.63 20.73 3.50
N PRO B 440 37.20 19.75 2.71
CA PRO B 440 36.50 18.61 3.31
C PRO B 440 37.44 17.85 4.22
N TRP B 441 36.89 17.31 5.31
CA TRP B 441 37.70 16.41 6.13
C TRP B 441 38.12 15.19 5.33
N ILE B 442 39.42 14.94 5.28
CA ILE B 442 39.99 13.77 4.62
C ILE B 442 40.79 13.03 5.67
N TRP B 443 40.45 11.76 5.92
CA TRP B 443 40.87 11.16 7.17
C TRP B 443 42.29 10.63 7.14
N ASN B 444 42.87 10.42 5.97
CA ASN B 444 44.17 9.76 5.87
C ASN B 444 45.26 10.68 5.36
N ILE B 445 45.17 11.97 5.66
CA ILE B 445 46.30 12.89 5.52
C ILE B 445 46.53 13.53 6.89
N PRO B 446 47.72 14.08 7.12
CA PRO B 446 47.99 14.70 8.42
C PRO B 446 47.53 16.13 8.50
N TYR B 447 47.16 16.51 9.72
CA TYR B 447 46.82 17.90 10.06
C TYR B 447 47.71 18.27 11.24
N VAL B 448 48.77 19.04 10.96
CA VAL B 448 49.81 19.29 11.94
C VAL B 448 50.11 20.77 12.12
N LYS B 449 49.37 21.66 11.47
CA LYS B 449 49.59 23.09 11.62
C LYS B 449 48.78 23.71 12.74
N ALA B 450 47.61 23.16 13.05
CA ALA B 450 46.70 23.75 14.04
C ALA B 450 46.23 22.66 15.00
N PRO B 451 46.48 22.79 16.29
CA PRO B 451 46.01 21.79 17.24
C PRO B 451 44.49 21.81 17.36
N ASP B 452 43.94 20.65 17.75
CA ASP B 452 42.49 20.53 17.89
C ASP B 452 42.04 20.91 19.31
N THR B 453 40.78 20.59 19.61
CA THR B 453 40.17 20.88 20.90
C THR B 453 41.01 20.43 22.08
N HIS B 454 41.70 19.30 21.97
CA HIS B 454 42.47 18.75 23.07
C HIS B 454 43.96 18.98 22.89
N GLY B 455 44.34 19.95 22.05
CA GLY B 455 45.74 20.30 21.90
C GLY B 455 46.56 19.34 21.07
N ASN B 456 45.91 18.48 20.28
CA ASN B 456 46.57 17.41 19.55
C ASN B 456 46.59 17.70 18.05
N MET B 457 47.55 17.06 17.39
CA MET B 457 47.61 17.01 15.94
C MET B 457 47.07 15.68 15.46
N TRP B 458 46.90 15.56 14.15
CA TRP B 458 46.37 14.34 13.54
C TRP B 458 47.40 13.78 12.57
N VAL B 459 47.88 12.57 12.86
CA VAL B 459 48.86 11.88 12.03
C VAL B 459 48.40 10.45 11.83
N PRO B 460 47.73 10.12 10.72
CA PRO B 460 47.12 8.81 10.45
C PRO B 460 48.12 7.66 10.36
#